data_6TUU
#
_entry.id   6TUU
#
_cell.length_a   40.271
_cell.length_b   118.976
_cell.length_c   83.790
_cell.angle_alpha   90.000
_cell.angle_beta   91.420
_cell.angle_gamma   90.000
#
_symmetry.space_group_name_H-M   'P 1 21 1'
#
loop_
_entity.id
_entity.type
_entity.pdbx_description
1 polymer 'DNA repair and recombination protein RadA'
2 non-polymer 'PHOSPHATE ION'
3 non-polymer '5,6,7,8-tetrahydronaphthalene-2-carboxylic acid'
4 non-polymer 'CHLORIDE ION'
5 water water
#
_entity_poly.entity_id   1
_entity_poly.type   'polypeptide(L)'
_entity_poly.pdbx_seq_one_letter_code
;MATIGRISTGSKSLDKLLGGGIETQAITEVFGEFGSGKTQLAHTLAVMVQLPPEEGGLNGSALYIDTENTFRPERLREIA
QNRGLDPDEVLANVACARAFNSNHQMLLVQQAEDMIKELLNTDRPVKLLIVDSLTSHFRSEYIGRGALAERQQKLAKHLA
DLHRLANLYDIAVFVTNQVQANPDAFFGDPTRPIGGHILAHSATLRVYLRKGKGGKRIARLIDAPHLPEGEAVFSITEKG
IED
;
_entity_poly.pdbx_strand_id   A,B,C,D
#
loop_
_chem_comp.id
_chem_comp.type
_chem_comp.name
_chem_comp.formula
CL non-polymer 'CHLORIDE ION' 'Cl -1'
NY5 non-polymer '5,6,7,8-tetrahydronaphthalene-2-carboxylic acid' 'C11 H12 O2'
PO4 non-polymer 'PHOSPHATE ION' 'O4 P -3'
#
# COMPACT_ATOMS: atom_id res chain seq x y z
N ALA A 2 -2.73 8.29 0.29
CA ALA A 2 -2.40 7.20 -0.61
C ALA A 2 -2.57 7.59 -2.09
N THR A 3 -1.68 7.04 -2.95
CA THR A 3 -1.68 7.24 -4.41
C THR A 3 -2.81 6.40 -4.99
N ILE A 4 -3.50 6.92 -6.01
CA ILE A 4 -4.59 6.20 -6.66
C ILE A 4 -4.04 5.03 -7.47
N GLY A 5 -4.40 3.82 -7.07
CA GLY A 5 -4.03 2.59 -7.75
C GLY A 5 -5.06 2.28 -8.82
N ARG A 6 -4.67 1.47 -9.81
CA ARG A 6 -5.57 1.06 -10.89
C ARG A 6 -5.52 -0.42 -11.08
N ILE A 7 -6.68 -1.05 -11.33
CA ILE A 7 -6.73 -2.49 -11.55
C ILE A 7 -7.15 -2.66 -12.99
N SER A 8 -6.38 -3.43 -13.76
CA SER A 8 -6.68 -3.70 -15.15
C SER A 8 -7.92 -4.56 -15.23
N THR A 9 -8.76 -4.30 -16.24
CA THR A 9 -10.02 -5.02 -16.45
C THR A 9 -9.79 -6.34 -17.20
N GLY A 10 -8.61 -6.48 -17.79
CA GLY A 10 -8.27 -7.64 -18.60
C GLY A 10 -8.29 -7.35 -20.08
N SER A 11 -9.00 -6.28 -20.48
CA SER A 11 -9.10 -5.82 -21.87
C SER A 11 -8.29 -4.53 -21.99
N LYS A 12 -7.35 -4.48 -22.95
CA LYS A 12 -6.53 -3.28 -23.20
C LYS A 12 -7.39 -2.12 -23.68
N SER A 13 -8.42 -2.44 -24.47
CA SER A 13 -9.35 -1.47 -25.00
C SER A 13 -10.17 -0.85 -23.86
N LEU A 14 -10.73 -1.69 -22.95
CA LEU A 14 -11.48 -1.17 -21.80
C LEU A 14 -10.55 -0.37 -20.89
N ASP A 15 -9.31 -0.85 -20.68
CA ASP A 15 -8.31 -0.16 -19.85
C ASP A 15 -8.03 1.25 -20.35
N LYS A 16 -7.86 1.43 -21.64
CA LYS A 16 -7.58 2.73 -22.24
C LYS A 16 -8.78 3.68 -22.05
N LEU A 17 -10.00 3.16 -22.20
CA LEU A 17 -11.20 3.96 -21.97
C LEU A 17 -11.24 4.45 -20.51
N LEU A 18 -10.75 3.61 -19.59
CA LEU A 18 -10.73 3.87 -18.15
C LEU A 18 -9.50 4.62 -17.64
N GLY A 19 -8.54 4.94 -18.51
CA GLY A 19 -7.31 5.59 -18.05
C GLY A 19 -6.29 4.65 -17.42
N GLY A 20 -6.43 3.35 -17.70
CA GLY A 20 -5.55 2.28 -17.24
C GLY A 20 -6.20 1.19 -16.40
N GLY A 21 -7.48 1.36 -16.09
CA GLY A 21 -8.24 0.43 -15.28
C GLY A 21 -9.10 1.13 -14.27
N ILE A 22 -9.78 0.34 -13.41
CA ILE A 22 -10.65 0.93 -12.38
C ILE A 22 -9.80 1.47 -11.24
N GLU A 23 -10.19 2.64 -10.72
CA GLU A 23 -9.43 3.30 -9.69
C GLU A 23 -9.77 2.92 -8.26
N THR A 24 -8.75 2.90 -7.37
CA THR A 24 -8.95 2.77 -5.93
C THR A 24 -9.43 4.18 -5.50
N GLN A 25 -10.04 4.29 -4.28
CA GLN A 25 -10.64 5.51 -3.75
C GLN A 25 -11.72 6.00 -4.71
N ALA A 26 -12.45 5.07 -5.32
CA ALA A 26 -13.48 5.39 -6.28
C ALA A 26 -14.51 4.28 -6.33
N ILE A 27 -15.69 4.67 -6.74
CA ILE A 27 -16.76 3.75 -7.03
C ILE A 27 -16.96 3.74 -8.54
N THR A 28 -16.77 2.57 -9.15
CA THR A 28 -17.00 2.46 -10.57
C THR A 28 -18.27 1.66 -10.71
N GLU A 29 -19.24 2.18 -11.44
CA GLU A 29 -20.49 1.50 -11.68
C GLU A 29 -20.57 1.08 -13.13
N VAL A 30 -20.84 -0.22 -13.39
N VAL A 30 -20.82 -0.22 -13.39
CA VAL A 30 -21.07 -0.72 -14.75
CA VAL A 30 -21.11 -0.68 -14.73
C VAL A 30 -22.57 -1.10 -14.86
C VAL A 30 -22.62 -0.97 -14.79
N PHE A 31 -23.27 -0.50 -15.84
CA PHE A 31 -24.70 -0.75 -15.99
C PHE A 31 -25.05 -1.20 -17.37
N GLY A 32 -26.07 -2.04 -17.44
CA GLY A 32 -26.51 -2.54 -18.73
C GLY A 32 -27.64 -3.53 -18.61
N GLU A 33 -28.09 -4.03 -19.75
CA GLU A 33 -29.17 -4.99 -19.82
C GLU A 33 -28.68 -6.34 -19.37
N PHE A 34 -29.61 -7.20 -18.95
CA PHE A 34 -29.32 -8.56 -18.53
C PHE A 34 -28.55 -9.24 -19.67
N GLY A 35 -27.44 -9.88 -19.34
CA GLY A 35 -26.62 -10.56 -20.34
C GLY A 35 -25.58 -9.72 -21.07
N SER A 36 -25.26 -8.51 -20.56
CA SER A 36 -24.26 -7.64 -21.20
C SER A 36 -22.79 -7.93 -20.80
N GLY A 37 -22.56 -8.69 -19.72
CA GLY A 37 -21.20 -9.03 -19.31
C GLY A 37 -20.68 -8.37 -18.04
N LYS A 38 -21.57 -7.68 -17.30
CA LYS A 38 -21.25 -6.97 -16.04
C LYS A 38 -20.62 -7.92 -14.99
N THR A 39 -21.21 -9.10 -14.81
CA THR A 39 -20.74 -10.12 -13.84
C THR A 39 -19.40 -10.71 -14.29
N GLN A 40 -19.23 -10.89 -15.61
CA GLN A 40 -17.99 -11.34 -16.20
C GLN A 40 -16.86 -10.37 -15.90
N LEU A 41 -17.14 -9.07 -16.02
CA LEU A 41 -16.14 -8.04 -15.71
C LEU A 41 -15.79 -8.14 -14.21
N ALA A 42 -16.84 -8.24 -13.35
CA ALA A 42 -16.71 -8.37 -11.90
C ALA A 42 -15.80 -9.55 -11.56
N HIS A 43 -16.03 -10.71 -12.19
CA HIS A 43 -15.20 -11.90 -11.98
C HIS A 43 -13.77 -11.72 -12.47
N THR A 44 -13.54 -11.05 -13.61
CA THR A 44 -12.18 -10.85 -14.14
C THR A 44 -11.38 -9.92 -13.22
N LEU A 45 -12.01 -8.82 -12.74
CA LEU A 45 -11.33 -7.89 -11.82
C LEU A 45 -10.89 -8.59 -10.50
N ALA A 46 -11.71 -9.58 -9.99
CA ALA A 46 -11.40 -10.31 -8.72
C ALA A 46 -10.11 -11.12 -8.82
N VAL A 47 -9.78 -11.49 -10.06
CA VAL A 47 -8.54 -12.17 -10.42
C VAL A 47 -7.44 -11.13 -10.64
N MET A 48 -7.65 -10.13 -11.54
CA MET A 48 -6.67 -9.10 -11.91
C MET A 48 -6.12 -8.34 -10.72
N VAL A 49 -6.93 -8.04 -9.72
CA VAL A 49 -6.45 -7.31 -8.52
C VAL A 49 -5.27 -8.02 -7.82
N GLN A 50 -5.17 -9.36 -7.98
CA GLN A 50 -4.17 -10.17 -7.26
C GLN A 50 -2.80 -10.15 -7.88
N LEU A 51 -2.74 -9.72 -9.14
CA LEU A 51 -1.54 -9.65 -9.94
C LEU A 51 -0.60 -8.52 -9.44
N PRO A 52 0.72 -8.60 -9.70
CA PRO A 52 1.58 -7.47 -9.33
C PRO A 52 1.30 -6.24 -10.22
N PRO A 53 1.65 -5.00 -9.78
CA PRO A 53 1.39 -3.81 -10.58
C PRO A 53 1.89 -3.85 -12.03
N GLU A 54 3.05 -4.49 -12.27
CA GLU A 54 3.60 -4.62 -13.64
C GLU A 54 2.69 -5.47 -14.56
N GLU A 55 1.79 -6.27 -13.94
CA GLU A 55 0.85 -7.13 -14.63
C GLU A 55 -0.63 -6.57 -14.60
N GLY A 56 -0.81 -5.39 -14.01
CA GLY A 56 -2.10 -4.71 -13.95
C GLY A 56 -2.86 -4.88 -12.63
N GLY A 57 -2.27 -5.55 -11.64
CA GLY A 57 -2.91 -5.72 -10.36
C GLY A 57 -2.37 -4.81 -9.27
N LEU A 58 -2.78 -5.09 -8.02
CA LEU A 58 -2.33 -4.31 -6.85
C LEU A 58 -1.89 -5.24 -5.73
N ASN A 59 -1.55 -6.53 -6.03
CA ASN A 59 -1.14 -7.52 -5.00
C ASN A 59 -2.21 -7.57 -3.86
N GLY A 60 -3.46 -7.51 -4.29
CA GLY A 60 -4.58 -7.38 -3.36
C GLY A 60 -5.51 -8.53 -3.30
N SER A 61 -6.34 -8.51 -2.27
CA SER A 61 -7.40 -9.50 -2.12
C SER A 61 -8.74 -8.83 -2.51
N ALA A 62 -9.77 -9.64 -2.69
CA ALA A 62 -11.07 -9.09 -3.12
C ALA A 62 -12.27 -9.52 -2.25
N LEU A 63 -13.24 -8.63 -2.09
CA LEU A 63 -14.46 -8.95 -1.37
C LEU A 63 -15.57 -8.92 -2.40
N TYR A 64 -16.51 -9.89 -2.36
CA TYR A 64 -17.58 -9.95 -3.34
C TYR A 64 -18.93 -10.09 -2.62
N ILE A 65 -19.80 -9.03 -2.74
CA ILE A 65 -21.14 -9.06 -2.18
C ILE A 65 -22.03 -9.48 -3.33
N ASP A 66 -22.58 -10.68 -3.20
CA ASP A 66 -23.41 -11.32 -4.21
C ASP A 66 -24.86 -11.21 -3.82
N THR A 67 -25.66 -10.49 -4.61
CA THR A 67 -27.08 -10.30 -4.30
C THR A 67 -28.02 -11.26 -5.04
N GLU A 68 -27.58 -11.85 -6.17
CA GLU A 68 -28.47 -12.70 -6.98
C GLU A 68 -27.93 -14.08 -7.30
N ASN A 69 -27.00 -14.60 -6.48
CA ASN A 69 -26.33 -15.88 -6.66
C ASN A 69 -25.67 -15.98 -8.05
N THR A 70 -24.74 -15.07 -8.30
CA THR A 70 -23.99 -14.98 -9.57
C THR A 70 -22.50 -15.32 -9.40
N PHE A 71 -22.02 -15.44 -8.15
CA PHE A 71 -20.63 -15.78 -7.88
C PHE A 71 -20.35 -17.20 -8.26
N ARG A 72 -19.37 -17.39 -9.17
CA ARG A 72 -18.98 -18.72 -9.63
C ARG A 72 -17.48 -18.94 -9.38
N PRO A 73 -17.12 -19.67 -8.29
CA PRO A 73 -15.69 -19.93 -8.04
C PRO A 73 -14.98 -20.66 -9.17
N GLU A 74 -15.68 -21.58 -9.87
CA GLU A 74 -15.15 -22.29 -11.02
C GLU A 74 -14.78 -21.32 -12.17
N ARG A 75 -15.50 -20.18 -12.25
CA ARG A 75 -15.23 -19.18 -13.26
C ARG A 75 -13.96 -18.43 -12.90
N LEU A 76 -13.78 -18.13 -11.59
CA LEU A 76 -12.54 -17.49 -11.12
C LEU A 76 -11.38 -18.41 -11.44
N ARG A 77 -11.58 -19.73 -11.24
CA ARG A 77 -10.52 -20.72 -11.50
C ARG A 77 -10.07 -20.75 -12.92
N GLU A 78 -11.05 -20.74 -13.84
CA GLU A 78 -10.81 -20.75 -15.27
C GLU A 78 -10.05 -19.51 -15.64
N ILE A 79 -10.52 -18.33 -15.18
CA ILE A 79 -9.88 -17.05 -15.48
C ILE A 79 -8.43 -17.05 -15.00
N ALA A 80 -8.18 -17.50 -13.76
CA ALA A 80 -6.84 -17.59 -13.15
C ALA A 80 -5.91 -18.50 -13.96
N GLN A 81 -6.37 -19.71 -14.31
CA GLN A 81 -5.61 -20.71 -15.08
C GLN A 81 -5.15 -20.13 -16.42
N ASN A 82 -6.06 -19.44 -17.12
CA ASN A 82 -5.80 -18.87 -18.43
C ASN A 82 -4.96 -17.58 -18.36
N ARG A 83 -4.79 -17.00 -17.16
CA ARG A 83 -3.95 -15.82 -16.98
C ARG A 83 -2.60 -16.16 -16.31
N GLY A 84 -2.32 -17.45 -16.22
CA GLY A 84 -1.10 -18.02 -15.65
C GLY A 84 -0.99 -17.90 -14.14
N LEU A 85 -2.14 -17.85 -13.45
CA LEU A 85 -2.19 -17.76 -11.99
C LEU A 85 -2.57 -19.09 -11.39
N ASP A 86 -2.31 -19.29 -10.09
CA ASP A 86 -2.71 -20.54 -9.44
C ASP A 86 -4.20 -20.41 -9.09
N PRO A 87 -5.08 -21.29 -9.64
CA PRO A 87 -6.53 -21.20 -9.35
C PRO A 87 -6.95 -21.36 -7.88
N ASP A 88 -6.31 -22.27 -7.10
CA ASP A 88 -6.64 -22.44 -5.68
C ASP A 88 -6.30 -21.17 -4.90
N GLU A 89 -5.15 -20.60 -5.17
CA GLU A 89 -4.69 -19.38 -4.50
C GLU A 89 -5.59 -18.18 -4.83
N VAL A 90 -6.01 -18.05 -6.11
CA VAL A 90 -6.93 -16.98 -6.53
C VAL A 90 -8.21 -17.09 -5.71
N LEU A 91 -8.76 -18.31 -5.54
CA LEU A 91 -9.99 -18.48 -4.73
C LEU A 91 -9.82 -18.12 -3.27
N ALA A 92 -8.64 -18.40 -2.69
CA ALA A 92 -8.33 -18.10 -1.29
C ALA A 92 -8.24 -16.59 -1.06
N ASN A 93 -8.03 -15.81 -2.15
CA ASN A 93 -7.98 -14.34 -2.04
C ASN A 93 -9.27 -13.64 -2.39
N VAL A 94 -10.36 -14.40 -2.55
CA VAL A 94 -11.66 -13.78 -2.86
C VAL A 94 -12.68 -14.25 -1.85
N ALA A 95 -13.24 -13.34 -1.05
CA ALA A 95 -14.23 -13.76 -0.04
C ALA A 95 -15.61 -13.32 -0.53
N CYS A 96 -16.56 -14.27 -0.64
CA CYS A 96 -17.91 -13.96 -1.09
C CYS A 96 -18.93 -14.06 0.05
N ALA A 97 -19.92 -13.16 0.07
CA ALA A 97 -21.05 -13.15 1.01
C ALA A 97 -22.31 -12.94 0.23
N ARG A 98 -23.33 -13.77 0.51
CA ARG A 98 -24.61 -13.63 -0.17
C ARG A 98 -25.48 -12.63 0.58
N ALA A 99 -26.02 -11.62 -0.11
CA ALA A 99 -26.94 -10.63 0.52
C ALA A 99 -28.37 -11.16 0.31
N PHE A 100 -29.10 -11.37 1.40
CA PHE A 100 -30.44 -12.00 1.38
C PHE A 100 -31.59 -11.04 1.10
N ASN A 101 -31.39 -9.75 1.41
CA ASN A 101 -32.31 -8.66 1.08
C ASN A 101 -31.55 -7.33 1.15
N SER A 102 -32.19 -6.22 0.84
CA SER A 102 -31.50 -4.92 0.81
C SER A 102 -30.98 -4.47 2.18
N ASN A 103 -31.70 -4.77 3.27
CA ASN A 103 -31.24 -4.41 4.61
C ASN A 103 -30.03 -5.21 5.01
N HIS A 104 -30.00 -6.50 4.64
CA HIS A 104 -28.88 -7.38 4.89
C HIS A 104 -27.68 -6.92 4.07
N GLN A 105 -27.93 -6.52 2.83
CA GLN A 105 -26.90 -6.02 1.92
C GLN A 105 -26.24 -4.81 2.55
N MET A 106 -27.04 -3.93 3.19
CA MET A 106 -26.50 -2.74 3.85
C MET A 106 -25.65 -3.08 5.05
N LEU A 107 -26.03 -4.13 5.81
CA LEU A 107 -25.25 -4.57 6.97
C LEU A 107 -23.95 -5.27 6.52
N LEU A 108 -23.96 -5.99 5.38
CA LEU A 108 -22.75 -6.65 4.88
C LEU A 108 -21.61 -5.64 4.58
N VAL A 109 -21.94 -4.40 4.19
CA VAL A 109 -20.94 -3.36 3.99
C VAL A 109 -20.18 -3.09 5.30
N GLN A 110 -20.90 -3.09 6.45
CA GLN A 110 -20.26 -2.89 7.76
C GLN A 110 -19.34 -4.08 8.09
N GLN A 111 -19.76 -5.29 7.74
CA GLN A 111 -18.93 -6.50 7.94
C GLN A 111 -17.70 -6.49 7.04
N ALA A 112 -17.84 -5.97 5.80
CA ALA A 112 -16.71 -5.83 4.86
C ALA A 112 -15.67 -4.93 5.50
N GLU A 113 -16.08 -3.85 6.17
CA GLU A 113 -15.11 -2.96 6.85
C GLU A 113 -14.23 -3.73 7.87
N ASP A 114 -14.83 -4.64 8.66
CA ASP A 114 -14.06 -5.45 9.64
C ASP A 114 -13.03 -6.33 8.92
N MET A 115 -13.41 -6.94 7.79
CA MET A 115 -12.48 -7.76 6.99
C MET A 115 -11.35 -6.93 6.36
N ILE A 116 -11.67 -5.68 5.91
CA ILE A 116 -10.72 -4.73 5.36
C ILE A 116 -9.68 -4.35 6.45
N LYS A 117 -10.17 -3.98 7.65
CA LYS A 117 -9.33 -3.66 8.82
C LYS A 117 -8.36 -4.77 9.15
N GLU A 118 -8.83 -6.02 9.11
CA GLU A 118 -8.03 -7.21 9.45
C GLU A 118 -6.84 -7.37 8.51
N LEU A 119 -7.07 -7.14 7.20
CA LEU A 119 -6.10 -7.35 6.16
C LEU A 119 -5.26 -6.12 5.81
N LEU A 120 -5.58 -4.98 6.41
CA LEU A 120 -4.91 -3.70 6.17
C LEU A 120 -3.45 -3.83 6.57
N ASN A 121 -2.53 -3.39 5.69
CA ASN A 121 -1.08 -3.45 5.89
C ASN A 121 -0.47 -4.86 5.94
N THR A 122 -1.21 -5.90 5.50
CA THR A 122 -0.66 -7.26 5.34
C THR A 122 -0.14 -7.35 3.90
N ASP A 123 0.34 -8.52 3.45
CA ASP A 123 0.83 -8.65 2.08
C ASP A 123 -0.31 -8.77 1.05
N ARG A 124 -1.55 -9.05 1.49
CA ARG A 124 -2.70 -9.08 0.57
C ARG A 124 -3.89 -8.23 1.10
N PRO A 125 -3.73 -6.89 1.20
CA PRO A 125 -4.85 -6.09 1.72
C PRO A 125 -6.00 -6.09 0.76
N VAL A 126 -7.21 -5.79 1.27
CA VAL A 126 -8.36 -5.70 0.39
C VAL A 126 -8.18 -4.54 -0.55
N LYS A 127 -8.26 -4.79 -1.83
CA LYS A 127 -8.05 -3.71 -2.80
C LYS A 127 -9.24 -3.56 -3.70
N LEU A 128 -10.19 -4.50 -3.59
CA LEU A 128 -11.38 -4.53 -4.43
C LEU A 128 -12.58 -5.00 -3.64
N LEU A 129 -13.68 -4.28 -3.76
CA LEU A 129 -14.95 -4.66 -3.14
C LEU A 129 -15.96 -4.57 -4.24
N ILE A 130 -16.56 -5.69 -4.59
CA ILE A 130 -17.57 -5.79 -5.64
C ILE A 130 -18.97 -5.95 -4.97
N VAL A 131 -19.96 -5.24 -5.52
CA VAL A 131 -21.38 -5.38 -5.13
C VAL A 131 -22.07 -5.69 -6.45
N ASP A 132 -22.46 -6.95 -6.66
CA ASP A 132 -23.06 -7.35 -7.94
C ASP A 132 -24.58 -7.12 -7.93
N SER A 133 -25.13 -6.42 -8.95
CA SER A 133 -26.56 -6.07 -9.03
C SER A 133 -26.92 -5.36 -7.72
N LEU A 134 -26.22 -4.24 -7.43
CA LEU A 134 -26.38 -3.48 -6.21
C LEU A 134 -27.86 -3.07 -5.95
N THR A 135 -28.59 -2.76 -7.03
CA THR A 135 -29.96 -2.25 -6.92
C THR A 135 -31.06 -3.30 -6.96
N SER A 136 -30.70 -4.57 -7.29
N SER A 136 -30.75 -4.55 -7.35
CA SER A 136 -31.63 -5.71 -7.44
CA SER A 136 -31.82 -5.55 -7.51
C SER A 136 -32.65 -5.86 -6.31
C SER A 136 -32.73 -5.77 -6.28
N HIS A 137 -32.17 -5.94 -5.06
CA HIS A 137 -33.04 -6.11 -3.89
C HIS A 137 -33.87 -4.85 -3.63
N PHE A 138 -33.27 -3.66 -3.80
CA PHE A 138 -33.94 -2.39 -3.60
C PHE A 138 -35.12 -2.21 -4.55
N ARG A 139 -34.94 -2.62 -5.82
CA ARG A 139 -36.02 -2.55 -6.82
C ARG A 139 -37.16 -3.55 -6.54
N SER A 140 -36.86 -4.79 -6.15
CA SER A 140 -37.92 -5.78 -5.88
C SER A 140 -38.68 -5.57 -4.58
N GLU A 141 -38.02 -5.00 -3.55
CA GLU A 141 -38.65 -4.77 -2.24
C GLU A 141 -39.45 -3.48 -2.13
N TYR A 142 -38.98 -2.39 -2.76
CA TYR A 142 -39.64 -1.10 -2.59
C TYR A 142 -40.61 -0.76 -3.71
N ILE A 143 -41.79 -1.41 -3.63
CA ILE A 143 -42.94 -1.24 -4.52
C ILE A 143 -44.08 -0.77 -3.62
N GLY A 144 -44.76 0.28 -4.04
CA GLY A 144 -45.86 0.87 -3.31
C GLY A 144 -45.89 2.38 -3.44
N ARG A 145 -46.73 3.04 -2.61
CA ARG A 145 -46.90 4.49 -2.61
C ARG A 145 -45.63 5.21 -2.20
N GLY A 146 -45.38 5.23 -0.89
CA GLY A 146 -44.23 5.88 -0.28
C GLY A 146 -42.95 5.09 -0.36
N ALA A 147 -43.01 3.87 -0.94
CA ALA A 147 -41.87 2.96 -1.08
C ALA A 147 -40.74 3.54 -1.94
N LEU A 148 -41.07 4.36 -2.96
CA LEU A 148 -40.07 4.93 -3.87
C LEU A 148 -39.17 5.97 -3.22
N ALA A 149 -39.74 6.79 -2.32
CA ALA A 149 -38.96 7.79 -1.56
C ALA A 149 -38.06 7.04 -0.55
N GLU A 150 -38.56 5.96 0.01
CA GLU A 150 -37.79 5.15 0.96
C GLU A 150 -36.66 4.39 0.26
N ARG A 151 -36.92 3.91 -0.97
CA ARG A 151 -35.90 3.22 -1.76
C ARG A 151 -34.70 4.16 -2.00
N GLN A 152 -35.00 5.42 -2.36
CA GLN A 152 -34.03 6.47 -2.64
C GLN A 152 -33.19 6.83 -1.39
N GLN A 153 -33.84 6.96 -0.22
CA GLN A 153 -33.13 7.26 1.03
C GLN A 153 -32.20 6.12 1.42
N LYS A 154 -32.64 4.87 1.22
CA LYS A 154 -31.88 3.67 1.55
C LYS A 154 -30.66 3.48 0.63
N LEU A 155 -30.84 3.63 -0.70
CA LEU A 155 -29.73 3.52 -1.64
C LEU A 155 -28.71 4.63 -1.37
N ALA A 156 -29.18 5.89 -1.08
CA ALA A 156 -28.26 7.01 -0.82
C ALA A 156 -27.33 6.69 0.35
N LYS A 157 -27.87 6.09 1.41
CA LYS A 157 -27.10 5.73 2.60
C LYS A 157 -26.12 4.60 2.27
N HIS A 158 -26.59 3.60 1.52
CA HIS A 158 -25.75 2.46 1.07
C HIS A 158 -24.54 2.97 0.26
N LEU A 159 -24.81 3.79 -0.76
CA LEU A 159 -23.79 4.36 -1.61
C LEU A 159 -22.78 5.21 -0.84
N ALA A 160 -23.25 5.98 0.14
CA ALA A 160 -22.36 6.80 0.98
C ALA A 160 -21.45 5.90 1.88
N ASP A 161 -21.97 4.73 2.34
CA ASP A 161 -21.16 3.78 3.13
C ASP A 161 -20.05 3.23 2.23
N LEU A 162 -20.37 2.90 0.95
CA LEU A 162 -19.37 2.37 0.01
C LEU A 162 -18.33 3.42 -0.34
N HIS A 163 -18.75 4.70 -0.52
CA HIS A 163 -17.81 5.82 -0.79
C HIS A 163 -16.83 5.95 0.36
N ARG A 164 -17.35 5.93 1.60
CA ARG A 164 -16.55 5.99 2.83
C ARG A 164 -15.46 4.89 2.85
N LEU A 165 -15.81 3.65 2.51
CA LEU A 165 -14.80 2.57 2.51
C LEU A 165 -13.75 2.78 1.44
N ALA A 166 -14.21 3.21 0.24
CA ALA A 166 -13.32 3.42 -0.90
C ALA A 166 -12.21 4.38 -0.53
N ASN A 167 -12.58 5.56 0.02
CA ASN A 167 -11.63 6.61 0.41
C ASN A 167 -10.80 6.30 1.67
N LEU A 168 -11.43 5.78 2.70
CA LEU A 168 -10.77 5.49 3.98
C LEU A 168 -9.71 4.39 3.87
N TYR A 169 -9.99 3.30 3.09
CA TYR A 169 -9.10 2.15 3.00
C TYR A 169 -8.39 1.95 1.66
N ASP A 170 -8.48 2.92 0.76
CA ASP A 170 -7.82 2.90 -0.54
C ASP A 170 -8.20 1.61 -1.32
N ILE A 171 -9.51 1.42 -1.50
CA ILE A 171 -10.05 0.28 -2.22
C ILE A 171 -10.84 0.74 -3.46
N ALA A 172 -10.86 -0.08 -4.49
CA ALA A 172 -11.66 0.15 -5.69
C ALA A 172 -12.98 -0.53 -5.43
N VAL A 173 -14.06 0.24 -5.43
CA VAL A 173 -15.38 -0.34 -5.25
C VAL A 173 -15.96 -0.47 -6.65
N PHE A 174 -16.39 -1.68 -7.00
CA PHE A 174 -16.92 -1.95 -8.33
C PHE A 174 -18.34 -2.47 -8.16
N VAL A 175 -19.33 -1.72 -8.66
CA VAL A 175 -20.74 -2.12 -8.53
C VAL A 175 -21.40 -2.34 -9.91
N THR A 176 -22.24 -3.41 -10.01
CA THR A 176 -22.97 -3.67 -11.26
C THR A 176 -24.48 -3.30 -11.05
N ASN A 177 -25.15 -2.88 -12.12
CA ASN A 177 -26.55 -2.45 -12.04
C ASN A 177 -27.30 -2.81 -13.33
N GLN A 178 -28.38 -3.59 -13.20
CA GLN A 178 -29.21 -3.98 -14.35
C GLN A 178 -30.10 -2.78 -14.70
N VAL A 179 -29.77 -2.08 -15.80
CA VAL A 179 -30.40 -0.86 -16.37
C VAL A 179 -31.10 0.03 -15.32
N SER A 202 -24.00 9.45 -8.26
CA SER A 202 -23.31 9.03 -7.05
C SER A 202 -21.96 8.37 -7.32
N ALA A 203 -21.88 7.43 -8.29
CA ALA A 203 -20.62 6.74 -8.62
C ALA A 203 -19.56 7.74 -9.03
N THR A 204 -18.26 7.39 -8.83
CA THR A 204 -17.12 8.20 -9.29
C THR A 204 -17.13 8.14 -10.84
N LEU A 205 -17.38 6.93 -11.39
CA LEU A 205 -17.38 6.71 -12.83
C LEU A 205 -18.53 5.77 -13.23
N ARG A 206 -19.29 6.11 -14.29
CA ARG A 206 -20.39 5.25 -14.82
C ARG A 206 -20.01 4.71 -16.18
N VAL A 207 -20.14 3.39 -16.36
CA VAL A 207 -19.77 2.74 -17.59
C VAL A 207 -20.98 1.98 -18.14
N TYR A 208 -21.48 2.36 -19.33
CA TYR A 208 -22.60 1.67 -19.93
C TYR A 208 -22.06 0.52 -20.80
N LEU A 209 -22.57 -0.70 -20.56
N LEU A 209 -22.56 -0.70 -20.55
CA LEU A 209 -22.14 -1.91 -21.26
CA LEU A 209 -22.15 -1.90 -21.28
C LEU A 209 -23.29 -2.53 -22.08
C LEU A 209 -23.31 -2.47 -22.09
N ARG A 210 -23.03 -2.86 -23.35
CA ARG A 210 -24.05 -3.46 -24.20
C ARG A 210 -23.46 -4.54 -25.06
N LYS A 211 -24.30 -5.46 -25.49
CA LYS A 211 -23.92 -6.52 -26.39
C LYS A 211 -23.87 -5.90 -27.77
N GLY A 212 -23.01 -6.44 -28.62
CA GLY A 212 -22.90 -6.00 -29.99
C GLY A 212 -22.96 -7.17 -30.93
N LYS A 213 -22.61 -6.93 -32.21
CA LYS A 213 -22.56 -7.92 -33.27
C LYS A 213 -21.37 -8.86 -33.02
N GLY A 214 -21.53 -10.13 -33.40
CA GLY A 214 -20.52 -11.17 -33.27
C GLY A 214 -20.04 -11.50 -31.86
N GLY A 215 -20.93 -11.36 -30.88
CA GLY A 215 -20.64 -11.63 -29.47
C GLY A 215 -19.79 -10.58 -28.77
N LYS A 216 -19.52 -9.45 -29.45
CA LYS A 216 -18.69 -8.38 -28.90
C LYS A 216 -19.42 -7.61 -27.82
N ARG A 217 -18.68 -7.06 -26.85
CA ARG A 217 -19.27 -6.24 -25.80
C ARG A 217 -18.70 -4.86 -26.03
N ILE A 218 -19.55 -3.82 -25.89
CA ILE A 218 -19.20 -2.42 -26.10
C ILE A 218 -19.40 -1.63 -24.83
N ALA A 219 -18.38 -0.85 -24.45
CA ALA A 219 -18.39 -0.02 -23.25
C ALA A 219 -18.25 1.45 -23.64
N ARG A 220 -19.05 2.30 -23.01
CA ARG A 220 -19.04 3.75 -23.20
C ARG A 220 -19.08 4.41 -21.81
N LEU A 221 -18.33 5.52 -21.64
CA LEU A 221 -18.35 6.27 -20.40
C LEU A 221 -19.54 7.18 -20.44
N ILE A 222 -20.34 7.16 -19.37
CA ILE A 222 -21.52 8.02 -19.28
C ILE A 222 -21.15 9.27 -18.46
N ASP A 223 -21.33 10.46 -19.09
CA ASP A 223 -21.06 11.82 -18.57
C ASP A 223 -19.57 12.15 -18.52
N GLY A 230 -15.17 8.03 -27.06
CA GLY A 230 -14.66 6.79 -27.64
C GLY A 230 -15.36 5.60 -27.02
N GLU A 231 -15.21 4.41 -27.62
CA GLU A 231 -15.83 3.20 -27.08
C GLU A 231 -14.85 2.05 -27.07
N ALA A 232 -14.88 1.27 -26.00
CA ALA A 232 -14.06 0.07 -25.90
C ALA A 232 -14.84 -1.11 -26.42
N VAL A 233 -14.16 -2.02 -27.07
CA VAL A 233 -14.82 -3.23 -27.57
C VAL A 233 -14.01 -4.42 -27.05
N PHE A 234 -14.67 -5.46 -26.52
CA PHE A 234 -13.97 -6.62 -25.98
C PHE A 234 -14.85 -7.89 -26.09
N SER A 235 -14.29 -9.03 -25.74
CA SER A 235 -14.99 -10.31 -25.81
C SER A 235 -15.02 -10.98 -24.44
N ILE A 236 -15.92 -11.93 -24.22
CA ILE A 236 -15.98 -12.70 -22.98
C ILE A 236 -15.38 -14.04 -23.37
N THR A 237 -14.24 -14.38 -22.74
CA THR A 237 -13.49 -15.58 -23.10
C THR A 237 -13.10 -16.41 -21.87
N GLU A 238 -12.26 -17.43 -22.10
CA GLU A 238 -11.69 -18.29 -21.06
C GLU A 238 -10.76 -17.46 -20.12
N LYS A 239 -10.35 -16.28 -20.58
CA LYS A 239 -9.49 -15.32 -19.85
C LYS A 239 -10.36 -14.26 -19.13
N GLY A 240 -11.67 -14.49 -19.15
CA GLY A 240 -12.67 -13.62 -18.53
C GLY A 240 -13.16 -12.65 -19.58
N ILE A 241 -12.55 -11.47 -19.62
CA ILE A 241 -12.79 -10.48 -20.64
C ILE A 241 -11.42 -10.15 -21.24
N GLU A 242 -11.36 -9.88 -22.58
CA GLU A 242 -10.16 -9.50 -23.31
C GLU A 242 -10.46 -8.91 -24.69
N ASP A 243 -9.47 -8.26 -25.31
CA ASP A 243 -9.55 -7.66 -26.64
C ASP A 243 -9.83 -8.65 -27.79
N ALA B 2 31.32 -14.25 8.50
CA ALA B 2 30.55 -13.02 8.37
C ALA B 2 30.08 -12.82 6.93
N THR B 3 31.01 -12.98 5.97
CA THR B 3 30.77 -12.84 4.54
C THR B 3 29.91 -14.00 4.00
N ILE B 4 29.17 -13.72 2.93
CA ILE B 4 28.23 -14.62 2.25
C ILE B 4 28.91 -15.82 1.56
N GLY B 5 28.50 -17.02 1.96
CA GLY B 5 28.94 -18.30 1.37
C GLY B 5 27.95 -18.75 0.31
N ARG B 6 28.41 -19.54 -0.67
CA ARG B 6 27.52 -20.00 -1.74
C ARG B 6 27.60 -21.50 -1.92
N ILE B 7 26.46 -22.17 -2.21
CA ILE B 7 26.39 -23.60 -2.44
C ILE B 7 26.01 -23.83 -3.90
N SER B 8 26.89 -24.53 -4.65
CA SER B 8 26.64 -24.91 -6.05
C SER B 8 25.44 -25.82 -6.13
N THR B 9 24.64 -25.66 -7.21
CA THR B 9 23.43 -26.44 -7.44
C THR B 9 23.77 -27.78 -8.14
N GLY B 10 24.98 -27.85 -8.68
CA GLY B 10 25.45 -29.00 -9.43
C GLY B 10 25.40 -28.77 -10.92
N SER B 11 24.69 -27.69 -11.33
CA SER B 11 24.55 -27.24 -12.71
C SER B 11 25.34 -25.93 -12.91
N LYS B 12 26.29 -25.91 -13.88
CA LYS B 12 27.08 -24.70 -14.19
C LYS B 12 26.15 -23.56 -14.67
N SER B 13 25.10 -23.91 -15.40
CA SER B 13 24.10 -22.97 -15.94
C SER B 13 23.30 -22.28 -14.80
N LEU B 14 22.72 -23.11 -13.90
CA LEU B 14 21.95 -22.62 -12.77
C LEU B 14 22.85 -21.83 -11.83
N ASP B 15 24.11 -22.29 -11.59
CA ASP B 15 25.05 -21.54 -10.74
C ASP B 15 25.32 -20.13 -11.28
N LYS B 16 25.49 -19.99 -12.63
CA LYS B 16 25.71 -18.68 -13.26
C LYS B 16 24.48 -17.77 -13.06
N LEU B 17 23.29 -18.33 -13.21
CA LEU B 17 22.06 -17.57 -12.94
C LEU B 17 22.05 -17.08 -11.48
N LEU B 18 22.54 -17.92 -10.56
CA LEU B 18 22.54 -17.60 -9.13
C LEU B 18 23.79 -16.90 -8.62
N GLY B 19 24.71 -16.54 -9.50
CA GLY B 19 25.94 -15.86 -9.11
C GLY B 19 26.94 -16.70 -8.33
N GLY B 20 26.91 -18.01 -8.56
CA GLY B 20 27.79 -18.97 -7.93
C GLY B 20 27.08 -20.09 -7.22
N GLY B 21 25.83 -19.85 -6.84
CA GLY B 21 25.01 -20.82 -6.13
C GLY B 21 24.13 -20.15 -5.12
N ILE B 22 23.37 -20.95 -4.33
CA ILE B 22 22.49 -20.35 -3.32
C ILE B 22 23.31 -19.75 -2.17
N GLU B 23 22.88 -18.61 -1.68
CA GLU B 23 23.58 -17.84 -0.67
C GLU B 23 23.29 -18.22 0.79
N THR B 24 24.32 -18.15 1.66
CA THR B 24 24.12 -18.22 3.11
C THR B 24 23.56 -16.82 3.52
N GLN B 25 22.94 -16.71 4.73
CA GLN B 25 22.26 -15.52 5.25
C GLN B 25 21.08 -15.09 4.36
N ALA B 26 20.50 -16.05 3.64
CA ALA B 26 19.41 -15.76 2.72
C ALA B 26 18.49 -16.93 2.65
N ILE B 27 17.26 -16.67 2.16
CA ILE B 27 16.26 -17.66 1.82
C ILE B 27 16.12 -17.63 0.32
N THR B 28 16.32 -18.79 -0.31
CA THR B 28 16.12 -18.92 -1.75
C THR B 28 14.84 -19.75 -1.88
N GLU B 29 13.88 -19.23 -2.63
CA GLU B 29 12.58 -19.86 -2.82
C GLU B 29 12.51 -20.35 -4.27
N VAL B 30 12.37 -21.67 -4.45
CA VAL B 30 12.20 -22.25 -5.79
C VAL B 30 10.72 -22.67 -5.93
N PHE B 31 10.07 -22.22 -6.99
CA PHE B 31 8.66 -22.54 -7.16
C PHE B 31 8.38 -23.04 -8.55
N GLY B 32 7.36 -23.86 -8.67
CA GLY B 32 7.01 -24.44 -9.96
C GLY B 32 6.03 -25.57 -9.75
N GLU B 33 5.51 -26.09 -10.84
CA GLU B 33 4.55 -27.19 -10.78
C GLU B 33 5.19 -28.49 -10.31
N PHE B 34 4.35 -29.47 -9.96
CA PHE B 34 4.84 -30.80 -9.60
C PHE B 34 5.69 -31.34 -10.77
N GLY B 35 6.82 -31.95 -10.45
CA GLY B 35 7.75 -32.52 -11.42
C GLY B 35 8.74 -31.54 -12.06
N SER B 36 8.76 -30.27 -11.60
CA SER B 36 9.65 -29.25 -12.20
C SER B 36 11.13 -29.39 -11.82
N GLY B 37 11.42 -30.24 -10.83
CA GLY B 37 12.79 -30.50 -10.38
C GLY B 37 13.18 -29.89 -9.04
N LYS B 38 12.24 -29.24 -8.33
CA LYS B 38 12.51 -28.57 -7.05
C LYS B 38 13.07 -29.53 -5.99
N THR B 39 12.47 -30.74 -5.84
CA THR B 39 12.90 -31.74 -4.86
C THR B 39 14.25 -32.32 -5.25
N GLN B 40 14.47 -32.51 -6.56
CA GLN B 40 15.75 -32.96 -7.10
C GLN B 40 16.84 -31.93 -6.80
N LEU B 41 16.51 -30.63 -6.95
CA LEU B 41 17.44 -29.56 -6.60
C LEU B 41 17.73 -29.60 -5.09
N ALA B 42 16.72 -29.74 -4.23
CA ALA B 42 16.92 -29.87 -2.78
C ALA B 42 17.84 -31.06 -2.44
N HIS B 43 17.62 -32.26 -3.03
CA HIS B 43 18.50 -33.42 -2.77
C HIS B 43 19.93 -33.18 -3.23
N THR B 44 20.12 -32.51 -4.38
CA THR B 44 21.47 -32.25 -4.92
C THR B 44 22.18 -31.28 -3.99
N LEU B 45 21.48 -30.21 -3.52
CA LEU B 45 22.12 -29.27 -2.58
C LEU B 45 22.55 -29.88 -1.25
N ALA B 46 21.81 -30.88 -0.73
CA ALA B 46 22.12 -31.60 0.51
C ALA B 46 23.48 -32.36 0.42
N VAL B 47 23.87 -32.71 -0.83
CA VAL B 47 25.17 -33.33 -1.12
C VAL B 47 26.22 -32.25 -1.37
N MET B 48 25.92 -31.27 -2.25
CA MET B 48 26.90 -30.25 -2.63
C MET B 48 27.45 -29.45 -1.46
N VAL B 49 26.63 -29.20 -0.43
CA VAL B 49 27.03 -28.42 0.75
C VAL B 49 28.21 -29.08 1.51
N GLN B 50 28.34 -30.39 1.37
CA GLN B 50 29.35 -31.19 2.04
C GLN B 50 30.75 -31.14 1.42
N LEU B 51 30.86 -30.56 0.22
CA LEU B 51 32.11 -30.46 -0.52
C LEU B 51 32.94 -29.26 -0.07
N PRO B 52 34.29 -29.24 -0.30
CA PRO B 52 35.05 -28.01 0.04
C PRO B 52 34.68 -26.85 -0.92
N PRO B 53 34.96 -25.56 -0.57
CA PRO B 53 34.63 -24.43 -1.47
C PRO B 53 35.13 -24.52 -2.91
N GLU B 54 36.32 -25.14 -3.13
CA GLU B 54 36.96 -25.34 -4.45
C GLU B 54 36.05 -26.17 -5.36
N GLU B 55 35.23 -27.05 -4.75
CA GLU B 55 34.29 -27.93 -5.44
C GLU B 55 32.82 -27.47 -5.37
N GLY B 56 32.59 -26.29 -4.82
CA GLY B 56 31.26 -25.68 -4.72
C GLY B 56 30.48 -25.86 -3.42
N GLY B 57 31.11 -26.45 -2.40
CA GLY B 57 30.44 -26.67 -1.13
C GLY B 57 30.89 -25.74 -0.04
N LEU B 58 30.48 -26.04 1.21
CA LEU B 58 30.87 -25.23 2.37
C LEU B 58 31.38 -26.09 3.52
N ASN B 59 31.78 -27.36 3.25
CA ASN B 59 32.23 -28.34 4.26
C ASN B 59 31.22 -28.42 5.43
N GLY B 60 29.94 -28.37 5.07
CA GLY B 60 28.88 -28.31 6.04
C GLY B 60 27.91 -29.46 5.96
N SER B 61 27.00 -29.51 6.91
N SER B 61 26.98 -29.49 6.92
CA SER B 61 25.95 -30.53 6.95
CA SER B 61 25.91 -30.46 7.05
C SER B 61 24.62 -29.86 6.56
C SER B 61 24.61 -29.83 6.56
N ALA B 62 23.58 -30.67 6.33
CA ALA B 62 22.27 -30.15 5.93
C ALA B 62 21.15 -30.63 6.86
N LEU B 63 20.12 -29.80 7.01
CA LEU B 63 18.89 -30.14 7.75
C LEU B 63 17.76 -30.15 6.73
N TYR B 64 16.90 -31.14 6.80
CA TYR B 64 15.84 -31.30 5.80
C TYR B 64 14.49 -31.45 6.48
N ILE B 65 13.60 -30.45 6.33
CA ILE B 65 12.23 -30.49 6.85
C ILE B 65 11.36 -30.93 5.66
N ASP B 66 10.82 -32.14 5.79
CA ASP B 66 10.06 -32.81 4.74
C ASP B 66 8.59 -32.74 5.09
N THR B 67 7.79 -32.04 4.29
CA THR B 67 6.35 -31.86 4.57
C THR B 67 5.41 -32.80 3.79
N GLU B 68 5.92 -33.47 2.73
CA GLU B 68 5.10 -34.34 1.85
C GLU B 68 5.71 -35.73 1.65
N ASN B 69 6.59 -36.16 2.57
CA ASN B 69 7.32 -37.44 2.46
C ASN B 69 8.03 -37.57 1.10
N THR B 70 8.98 -36.65 0.83
CA THR B 70 9.76 -36.60 -0.41
C THR B 70 11.27 -36.92 -0.22
N PHE B 71 11.72 -36.98 1.05
CA PHE B 71 13.12 -37.26 1.31
C PHE B 71 13.46 -38.71 0.97
N ARG B 72 14.42 -38.89 0.04
CA ARG B 72 14.84 -40.23 -0.41
C ARG B 72 16.31 -40.48 -0.09
N PRO B 73 16.60 -41.16 1.05
CA PRO B 73 18.01 -41.46 1.39
C PRO B 73 18.79 -42.18 0.27
N GLU B 74 18.15 -43.13 -0.47
CA GLU B 74 18.78 -43.85 -1.58
C GLU B 74 19.17 -42.90 -2.72
N ARG B 75 18.34 -41.86 -2.96
CA ARG B 75 18.61 -40.82 -3.96
C ARG B 75 19.84 -40.00 -3.53
N LEU B 76 19.96 -39.66 -2.21
CA LEU B 76 21.14 -38.96 -1.70
C LEU B 76 22.43 -39.77 -1.91
N ARG B 77 22.41 -41.09 -1.60
CA ARG B 77 23.61 -41.94 -1.77
C ARG B 77 24.03 -42.01 -3.23
N GLU B 78 23.03 -42.10 -4.12
CA GLU B 78 23.20 -42.16 -5.58
C GLU B 78 23.94 -40.90 -6.07
N ILE B 79 23.47 -39.71 -5.63
CA ILE B 79 24.08 -38.44 -6.03
C ILE B 79 25.51 -38.35 -5.48
N ALA B 80 25.72 -38.76 -4.20
CA ALA B 80 27.06 -38.72 -3.60
C ALA B 80 28.02 -39.64 -4.37
N GLN B 81 27.58 -40.88 -4.69
CA GLN B 81 28.32 -41.94 -5.42
C GLN B 81 28.77 -41.43 -6.79
N ASN B 82 27.80 -40.90 -7.56
CA ASN B 82 28.03 -40.36 -8.90
C ASN B 82 28.78 -39.04 -8.93
N ARG B 83 29.07 -38.47 -7.75
CA ARG B 83 29.86 -37.24 -7.65
C ARG B 83 31.20 -37.49 -6.94
N GLY B 84 31.57 -38.77 -6.85
CA GLY B 84 32.83 -39.24 -6.26
C GLY B 84 32.97 -39.14 -4.76
N LEU B 85 31.86 -38.98 -4.03
CA LEU B 85 31.84 -38.84 -2.56
C LEU B 85 31.40 -40.13 -1.90
N ASP B 86 31.85 -40.34 -0.64
CA ASP B 86 31.46 -41.54 0.13
C ASP B 86 29.95 -41.44 0.45
N PRO B 87 29.10 -42.38 -0.04
CA PRO B 87 27.65 -42.21 0.14
C PRO B 87 27.13 -42.25 1.58
N ASP B 88 27.75 -43.08 2.42
CA ASP B 88 27.34 -43.24 3.80
C ASP B 88 27.74 -42.02 4.64
N GLU B 89 28.90 -41.41 4.35
CA GLU B 89 29.36 -40.18 5.00
C GLU B 89 28.40 -39.01 4.67
N VAL B 90 27.90 -38.96 3.42
CA VAL B 90 26.96 -37.93 2.96
C VAL B 90 25.60 -38.07 3.69
N LEU B 91 25.04 -39.29 3.80
CA LEU B 91 23.77 -39.55 4.51
C LEU B 91 23.82 -39.22 6.01
N ALA B 92 25.02 -39.36 6.60
CA ALA B 92 25.28 -39.08 8.02
C ALA B 92 25.23 -37.59 8.30
N ASN B 93 25.49 -36.77 7.26
CA ASN B 93 25.50 -35.32 7.35
C ASN B 93 24.19 -34.66 6.87
N VAL B 94 23.14 -35.47 6.63
CA VAL B 94 21.81 -34.95 6.26
C VAL B 94 20.75 -35.46 7.23
N ALA B 95 20.28 -34.59 8.15
CA ALA B 95 19.24 -34.96 9.13
C ALA B 95 17.89 -34.55 8.60
N CYS B 96 16.94 -35.48 8.63
CA CYS B 96 15.60 -35.20 8.14
C CYS B 96 14.54 -35.33 9.23
N ALA B 97 13.53 -34.43 9.18
CA ALA B 97 12.36 -34.47 10.05
C ALA B 97 11.11 -34.32 9.21
N ARG B 98 10.08 -35.14 9.45
CA ARG B 98 8.80 -35.04 8.76
C ARG B 98 7.89 -34.06 9.53
N ALA B 99 7.28 -33.10 8.82
CA ALA B 99 6.36 -32.13 9.41
C ALA B 99 4.98 -32.72 9.18
N PHE B 100 4.21 -32.90 10.25
CA PHE B 100 2.91 -33.53 10.09
C PHE B 100 1.79 -32.54 9.80
N ASN B 101 1.94 -31.27 10.24
CA ASN B 101 0.99 -30.21 9.92
C ASN B 101 1.75 -28.88 9.98
N SER B 102 1.06 -27.78 9.65
CA SER B 102 1.69 -26.45 9.62
C SER B 102 2.20 -26.02 11.02
N ASN B 103 1.48 -26.36 12.11
CA ASN B 103 1.94 -26.00 13.44
C ASN B 103 3.18 -26.76 13.88
N HIS B 104 3.25 -28.04 13.51
CA HIS B 104 4.41 -28.87 13.81
C HIS B 104 5.60 -28.37 12.96
N GLN B 105 5.35 -28.03 11.69
CA GLN B 105 6.38 -27.50 10.78
C GLN B 105 7.04 -26.29 11.43
N MET B 106 6.22 -25.40 12.02
CA MET B 106 6.76 -24.21 12.68
C MET B 106 7.58 -24.54 13.90
N LEU B 107 7.16 -25.55 14.70
CA LEU B 107 7.91 -26.00 15.88
C LEU B 107 9.23 -26.64 15.48
N LEU B 108 9.24 -27.34 14.33
CA LEU B 108 10.47 -27.96 13.80
C LEU B 108 11.57 -26.93 13.52
N VAL B 109 11.19 -25.68 13.18
CA VAL B 109 12.19 -24.63 12.92
C VAL B 109 12.94 -24.30 14.23
N GLN B 110 12.25 -24.38 15.38
CA GLN B 110 12.83 -24.14 16.71
C GLN B 110 13.76 -25.29 17.04
N GLN B 111 13.34 -26.53 16.75
CA GLN B 111 14.19 -27.68 16.92
C GLN B 111 15.41 -27.65 16.03
N ALA B 112 15.28 -27.15 14.78
CA ALA B 112 16.42 -27.03 13.88
C ALA B 112 17.50 -26.16 14.50
N GLU B 113 17.12 -25.10 15.22
CA GLU B 113 18.09 -24.25 15.90
C GLU B 113 18.89 -25.05 16.93
N ASP B 114 18.25 -25.98 17.65
CA ASP B 114 18.95 -26.83 18.62
C ASP B 114 19.98 -27.74 17.92
N MET B 115 19.61 -28.29 16.78
CA MET B 115 20.49 -29.12 15.96
C MET B 115 21.65 -28.33 15.35
N ILE B 116 21.43 -27.03 15.03
CA ILE B 116 22.46 -26.13 14.49
C ILE B 116 23.50 -25.88 15.59
N LYS B 117 23.03 -25.55 16.78
CA LYS B 117 23.88 -25.28 17.96
C LYS B 117 24.79 -26.45 18.32
N GLU B 118 24.27 -27.68 18.22
CA GLU B 118 24.98 -28.91 18.53
C GLU B 118 26.17 -29.12 17.59
N LEU B 119 26.03 -28.68 16.33
CA LEU B 119 27.02 -28.88 15.28
C LEU B 119 27.95 -27.71 15.02
N LEU B 120 27.74 -26.59 15.73
CA LEU B 120 28.59 -25.42 15.61
C LEU B 120 30.02 -25.79 15.99
N ASN B 121 30.99 -25.20 15.29
CA ASN B 121 32.42 -25.38 15.54
C ASN B 121 32.92 -26.85 15.49
N THR B 122 32.17 -27.75 14.78
CA THR B 122 32.58 -29.16 14.53
C THR B 122 33.19 -29.23 13.10
N ASP B 123 33.36 -30.45 12.57
CA ASP B 123 33.89 -30.72 11.22
C ASP B 123 32.83 -30.33 10.15
N ARG B 124 31.54 -30.57 10.46
CA ARG B 124 30.46 -30.28 9.53
C ARG B 124 29.34 -29.48 10.20
N PRO B 125 29.55 -28.17 10.47
CA PRO B 125 28.43 -27.39 11.04
C PRO B 125 27.33 -27.29 9.99
N VAL B 126 26.07 -27.09 10.44
CA VAL B 126 24.94 -26.98 9.49
C VAL B 126 25.21 -25.78 8.60
N LYS B 127 25.06 -25.96 7.29
CA LYS B 127 25.23 -24.84 6.36
C LYS B 127 24.03 -24.70 5.46
N LEU B 128 23.06 -25.61 5.60
CA LEU B 128 21.90 -25.65 4.73
C LEU B 128 20.66 -26.19 5.43
N LEU B 129 19.57 -25.43 5.36
CA LEU B 129 18.29 -25.87 5.90
C LEU B 129 17.28 -25.81 4.76
N ILE B 130 16.70 -26.96 4.44
CA ILE B 130 15.71 -27.14 3.39
C ILE B 130 14.34 -27.29 4.00
N VAL B 131 13.36 -26.57 3.43
CA VAL B 131 11.95 -26.73 3.80
C VAL B 131 11.24 -27.11 2.51
N ASP B 132 11.00 -28.42 2.32
CA ASP B 132 10.40 -28.88 1.06
C ASP B 132 8.87 -28.77 1.10
N SER B 133 8.28 -28.00 0.14
CA SER B 133 6.85 -27.67 0.01
C SER B 133 6.40 -26.95 1.25
N LEU B 134 7.14 -25.86 1.58
CA LEU B 134 6.91 -25.02 2.74
C LEU B 134 5.44 -24.57 2.88
N THR B 135 4.74 -24.40 1.74
CA THR B 135 3.35 -23.90 1.73
C THR B 135 2.31 -25.01 1.72
N SER B 136 2.68 -26.26 1.35
CA SER B 136 1.71 -27.39 1.24
C SER B 136 0.72 -27.50 2.42
N HIS B 137 1.22 -27.52 3.69
CA HIS B 137 0.35 -27.63 4.87
C HIS B 137 -0.52 -26.39 5.08
N PHE B 138 0.07 -25.20 4.95
CA PHE B 138 -0.62 -23.92 5.14
C PHE B 138 -1.83 -23.71 4.21
N ARG B 139 -1.71 -24.12 2.95
CA ARG B 139 -2.75 -24.02 1.92
C ARG B 139 -3.98 -24.85 2.27
N SER B 140 -3.78 -26.18 2.45
CA SER B 140 -4.85 -27.14 2.74
C SER B 140 -5.51 -26.97 4.09
N GLU B 141 -4.79 -26.42 5.08
CA GLU B 141 -5.34 -26.22 6.44
C GLU B 141 -6.19 -24.99 6.60
N TYR B 142 -5.78 -23.86 6.00
CA TYR B 142 -6.49 -22.60 6.22
C TYR B 142 -7.58 -22.32 5.18
N ILE B 143 -8.75 -22.99 5.34
CA ILE B 143 -9.93 -22.80 4.49
C ILE B 143 -11.11 -22.37 5.37
N GLY B 144 -11.58 -21.14 5.17
CA GLY B 144 -12.68 -20.58 5.95
C GLY B 144 -12.89 -19.09 5.75
N ARG B 145 -13.71 -18.49 6.63
CA ARG B 145 -14.09 -17.06 6.63
C ARG B 145 -12.88 -16.13 6.65
N GLY B 146 -12.27 -15.99 7.83
CA GLY B 146 -11.10 -15.15 8.04
C GLY B 146 -9.79 -15.92 7.96
N ALA B 147 -9.78 -17.01 7.15
CA ALA B 147 -8.64 -17.91 6.95
C ALA B 147 -7.42 -17.20 6.41
N LEU B 148 -7.61 -16.32 5.39
CA LEU B 148 -6.53 -15.58 4.76
C LEU B 148 -5.67 -14.82 5.75
N ALA B 149 -6.30 -14.06 6.68
CA ALA B 149 -5.55 -13.25 7.66
C ALA B 149 -4.70 -14.10 8.59
N GLU B 150 -5.24 -15.22 9.07
CA GLU B 150 -4.50 -16.10 9.97
C GLU B 150 -3.40 -16.84 9.21
N ARG B 151 -3.69 -17.32 7.99
CA ARG B 151 -2.71 -18.00 7.14
C ARG B 151 -1.46 -17.14 6.87
N GLN B 152 -1.68 -15.85 6.55
N GLN B 152 -1.70 -15.86 6.55
CA GLN B 152 -0.57 -14.94 6.23
CA GLN B 152 -0.65 -14.87 6.26
C GLN B 152 0.24 -14.56 7.48
C GLN B 152 0.23 -14.63 7.47
N GLN B 153 -0.39 -14.43 8.66
CA GLN B 153 0.31 -14.17 9.94
C GLN B 153 1.20 -15.32 10.32
N LYS B 154 0.69 -16.56 10.17
CA LYS B 154 1.46 -17.78 10.45
C LYS B 154 2.65 -17.93 9.49
N LEU B 155 2.44 -17.70 8.18
CA LEU B 155 3.53 -17.78 7.18
C LEU B 155 4.57 -16.71 7.44
N ALA B 156 4.13 -15.47 7.80
CA ALA B 156 5.04 -14.37 8.08
C ALA B 156 5.95 -14.76 9.25
N LYS B 157 5.39 -15.35 10.32
CA LYS B 157 6.17 -15.78 11.49
C LYS B 157 7.19 -16.90 11.14
N HIS B 158 6.75 -17.89 10.36
CA HIS B 158 7.56 -19.03 9.94
C HIS B 158 8.74 -18.51 9.10
N LEU B 159 8.45 -17.63 8.14
CA LEU B 159 9.48 -17.06 7.29
C LEU B 159 10.46 -16.19 8.09
N ALA B 160 9.97 -15.40 9.06
CA ALA B 160 10.87 -14.61 9.93
C ALA B 160 11.75 -15.52 10.79
N ASP B 161 11.22 -16.68 11.24
CA ASP B 161 12.01 -17.64 12.01
C ASP B 161 13.11 -18.23 11.12
N LEU B 162 12.77 -18.55 9.86
CA LEU B 162 13.75 -19.06 8.91
C LEU B 162 14.83 -18.04 8.62
N HIS B 163 14.46 -16.74 8.45
CA HIS B 163 15.42 -15.66 8.22
C HIS B 163 16.36 -15.50 9.40
N ARG B 164 15.83 -15.65 10.63
CA ARG B 164 16.62 -15.60 11.85
C ARG B 164 17.75 -16.65 11.82
N LEU B 165 17.44 -17.92 11.48
CA LEU B 165 18.46 -18.97 11.40
C LEU B 165 19.50 -18.70 10.31
N ALA B 166 19.02 -18.27 9.13
CA ALA B 166 19.88 -17.94 8.00
C ALA B 166 20.90 -16.88 8.43
N ASN B 167 20.43 -15.83 9.08
CA ASN B 167 21.30 -14.72 9.49
C ASN B 167 22.17 -15.06 10.71
N LEU B 168 21.59 -15.56 11.81
CA LEU B 168 22.33 -15.85 13.06
C LEU B 168 23.43 -16.87 12.92
N TYR B 169 23.21 -17.92 12.12
CA TYR B 169 24.14 -19.05 12.02
C TYR B 169 24.84 -19.18 10.67
N ASP B 170 24.74 -18.16 9.79
CA ASP B 170 25.36 -18.10 8.47
C ASP B 170 25.02 -19.38 7.70
N ILE B 171 23.72 -19.61 7.52
N ILE B 171 23.72 -19.63 7.54
CA ILE B 171 23.17 -20.80 6.84
CA ILE B 171 23.27 -20.82 6.81
C ILE B 171 22.38 -20.38 5.59
C ILE B 171 22.45 -20.40 5.58
N ALA B 172 22.39 -21.27 4.56
CA ALA B 172 21.60 -21.01 3.37
C ALA B 172 20.25 -21.67 3.64
N VAL B 173 19.15 -20.92 3.48
CA VAL B 173 17.84 -21.55 3.65
C VAL B 173 17.25 -21.68 2.28
N PHE B 174 16.81 -22.91 1.96
CA PHE B 174 16.26 -23.29 0.67
C PHE B 174 14.88 -23.81 0.86
N VAL B 175 13.91 -23.16 0.24
CA VAL B 175 12.52 -23.56 0.40
C VAL B 175 11.90 -23.84 -0.97
N THR B 176 11.00 -24.81 -1.03
CA THR B 176 10.33 -25.09 -2.30
C THR B 176 8.85 -24.72 -2.16
N ASN B 177 8.23 -24.36 -3.26
CA ASN B 177 6.84 -23.97 -3.26
C ASN B 177 6.16 -24.56 -4.50
N GLN B 178 5.27 -25.52 -4.30
CA GLN B 178 4.54 -26.15 -5.40
C GLN B 178 3.30 -25.28 -5.74
N VAL B 179 3.28 -24.73 -6.95
CA VAL B 179 2.17 -23.89 -7.45
C VAL B 179 1.84 -24.25 -8.89
N GLN B 180 0.68 -23.77 -9.40
CA GLN B 180 0.30 -23.92 -10.82
C GLN B 180 0.66 -22.61 -11.54
N ALA B 181 1.25 -22.73 -12.76
CA ALA B 181 1.72 -21.66 -13.66
C ALA B 181 2.03 -20.32 -12.99
N SER B 202 8.73 -12.83 0.78
CA SER B 202 9.57 -12.77 1.98
C SER B 202 10.96 -13.34 1.73
N ALA B 203 11.12 -14.12 0.64
CA ALA B 203 12.37 -14.75 0.21
C ALA B 203 13.39 -13.69 -0.19
N THR B 204 14.69 -14.01 -0.05
CA THR B 204 15.76 -13.11 -0.49
C THR B 204 15.86 -13.19 -2.02
N LEU B 205 15.52 -14.40 -2.58
CA LEU B 205 15.60 -14.69 -4.01
C LEU B 205 14.55 -15.71 -4.46
N ARG B 206 13.76 -15.36 -5.50
CA ARG B 206 12.76 -16.27 -6.05
C ARG B 206 13.22 -16.82 -7.38
N VAL B 207 13.10 -18.14 -7.53
CA VAL B 207 13.50 -18.81 -8.73
C VAL B 207 12.34 -19.61 -9.27
N TYR B 208 11.93 -19.32 -10.51
CA TYR B 208 10.84 -20.07 -11.13
C TYR B 208 11.40 -21.19 -11.93
N LEU B 209 10.89 -22.42 -11.69
CA LEU B 209 11.34 -23.61 -12.41
C LEU B 209 10.23 -24.23 -13.21
N ARG B 210 10.52 -24.69 -14.43
CA ARG B 210 9.49 -25.34 -15.24
C ARG B 210 10.09 -26.46 -16.04
N LYS B 211 9.25 -27.38 -16.52
CA LYS B 211 9.68 -28.45 -17.41
C LYS B 211 9.77 -27.84 -18.82
N GLY B 212 10.83 -28.20 -19.53
CA GLY B 212 11.03 -27.76 -20.90
C GLY B 212 11.07 -28.94 -21.83
N LYS B 213 11.51 -28.71 -23.09
CA LYS B 213 11.66 -29.70 -24.15
C LYS B 213 12.66 -30.80 -23.76
N GLY B 214 12.39 -32.03 -24.20
CA GLY B 214 13.21 -33.22 -24.03
C GLY B 214 13.82 -33.51 -22.67
N GLY B 215 13.04 -33.33 -21.62
CA GLY B 215 13.48 -33.58 -20.25
C GLY B 215 14.30 -32.48 -19.61
N LYS B 216 14.58 -31.38 -20.34
CA LYS B 216 15.33 -30.27 -19.73
C LYS B 216 14.42 -29.50 -18.78
N ARG B 217 15.01 -28.84 -17.79
CA ARG B 217 14.26 -28.00 -16.87
C ARG B 217 14.83 -26.62 -17.06
N ILE B 218 13.97 -25.59 -17.01
CA ILE B 218 14.39 -24.22 -17.22
C ILE B 218 14.13 -23.41 -15.96
N ALA B 219 15.12 -22.59 -15.54
CA ALA B 219 15.02 -21.70 -14.39
C ALA B 219 15.12 -20.24 -14.79
N ARG B 220 14.34 -19.39 -14.12
CA ARG B 220 14.35 -17.95 -14.35
C ARG B 220 14.27 -17.28 -12.99
N LEU B 221 15.02 -16.17 -12.79
CA LEU B 221 14.94 -15.41 -11.53
C LEU B 221 13.74 -14.50 -11.65
N ILE B 222 12.99 -14.31 -10.55
CA ILE B 222 11.75 -13.51 -10.55
C ILE B 222 11.93 -12.28 -9.66
N ASP B 223 11.52 -11.09 -10.18
CA ASP B 223 11.58 -9.79 -9.51
C ASP B 223 12.94 -9.54 -8.85
N ALA B 224 14.00 -9.83 -9.61
CA ALA B 224 15.39 -9.75 -9.17
C ALA B 224 16.13 -8.61 -9.89
N PRO B 225 16.09 -7.37 -9.35
CA PRO B 225 16.81 -6.27 -10.02
C PRO B 225 18.32 -6.41 -9.84
N HIS B 226 19.09 -5.99 -10.87
CA HIS B 226 20.55 -6.00 -10.92
C HIS B 226 21.14 -7.42 -10.75
N LEU B 227 20.36 -8.45 -11.15
CA LEU B 227 20.74 -9.86 -11.09
C LEU B 227 20.59 -10.52 -12.49
N PRO B 228 21.26 -11.67 -12.77
CA PRO B 228 21.20 -12.26 -14.11
C PRO B 228 19.85 -12.34 -14.83
N GLU B 229 19.84 -11.69 -15.99
CA GLU B 229 18.75 -11.68 -16.95
C GLU B 229 19.07 -12.88 -17.83
N GLY B 230 18.06 -13.71 -18.08
CA GLY B 230 18.24 -14.91 -18.87
C GLY B 230 17.72 -16.14 -18.18
N GLU B 231 17.95 -17.32 -18.78
CA GLU B 231 17.46 -18.55 -18.19
C GLU B 231 18.52 -19.60 -18.14
N ALA B 232 18.51 -20.40 -17.07
CA ALA B 232 19.39 -21.55 -16.95
C ALA B 232 18.63 -22.78 -17.50
N VAL B 233 19.36 -23.70 -18.08
CA VAL B 233 18.82 -24.97 -18.57
C VAL B 233 19.63 -26.12 -17.91
N PHE B 234 18.94 -27.11 -17.39
CA PHE B 234 19.62 -28.25 -16.74
C PHE B 234 18.82 -29.53 -16.90
N SER B 235 19.43 -30.65 -16.54
CA SER B 235 18.78 -31.95 -16.61
C SER B 235 18.81 -32.59 -15.22
N ILE B 236 17.99 -33.61 -15.02
CA ILE B 236 17.96 -34.39 -13.79
C ILE B 236 18.63 -35.71 -14.17
N THR B 237 19.79 -36.02 -13.54
CA THR B 237 20.59 -37.21 -13.84
C THR B 237 20.93 -38.02 -12.58
N GLU B 238 21.86 -38.96 -12.71
CA GLU B 238 22.39 -39.80 -11.64
C GLU B 238 23.22 -38.92 -10.70
N LYS B 239 23.66 -37.74 -11.21
CA LYS B 239 24.43 -36.78 -10.41
C LYS B 239 23.48 -35.77 -9.75
N GLY B 240 22.19 -36.04 -9.85
CA GLY B 240 21.16 -35.16 -9.31
C GLY B 240 20.78 -34.11 -10.34
N ILE B 241 21.26 -32.87 -10.16
CA ILE B 241 21.04 -31.74 -11.09
C ILE B 241 22.37 -31.49 -11.77
N GLU B 242 22.41 -31.28 -13.10
CA GLU B 242 23.61 -30.92 -13.87
C GLU B 242 23.23 -30.42 -15.26
N ASP B 243 24.14 -29.71 -15.96
CA ASP B 243 23.88 -29.21 -17.32
C ASP B 243 23.59 -30.36 -18.31
N ALA C 2 -33.05 13.38 -10.77
CA ALA C 2 -33.00 14.77 -11.20
C ALA C 2 -31.78 15.02 -12.06
N THR C 3 -31.92 15.86 -13.09
CA THR C 3 -30.83 16.21 -14.00
C THR C 3 -29.85 17.12 -13.23
N ILE C 4 -28.57 17.05 -13.59
CA ILE C 4 -27.53 17.84 -12.93
C ILE C 4 -27.70 19.31 -13.30
N GLY C 5 -27.66 20.18 -12.29
CA GLY C 5 -27.73 21.63 -12.46
C GLY C 5 -26.35 22.23 -12.25
N ARG C 6 -26.11 23.40 -12.82
N ARG C 6 -26.08 23.39 -12.88
CA ARG C 6 -24.83 24.09 -12.64
CA ARG C 6 -24.77 24.07 -12.75
C ARG C 6 -25.03 25.47 -12.04
C ARG C 6 -24.91 25.51 -12.21
N ILE C 7 -24.05 25.92 -11.26
CA ILE C 7 -24.08 27.26 -10.66
C ILE C 7 -22.90 28.04 -11.20
N SER C 8 -23.16 29.17 -11.86
CA SER C 8 -22.09 30.02 -12.36
C SER C 8 -21.28 30.54 -11.21
N THR C 9 -19.97 30.66 -11.40
CA THR C 9 -19.07 31.13 -10.37
C THR C 9 -19.01 32.66 -10.38
N GLY C 10 -19.51 33.27 -11.44
CA GLY C 10 -19.42 34.70 -11.66
C GLY C 10 -18.29 35.02 -12.64
N SER C 11 -17.40 34.04 -12.93
CA SER C 11 -16.30 34.17 -13.88
C SER C 11 -16.52 33.21 -15.03
N LYS C 12 -16.59 33.73 -16.29
CA LYS C 12 -16.79 32.92 -17.48
C LYS C 12 -15.62 31.97 -17.74
N SER C 13 -14.41 32.40 -17.39
CA SER C 13 -13.20 31.61 -17.50
C SER C 13 -13.31 30.36 -16.58
N LEU C 14 -13.59 30.58 -15.28
CA LEU C 14 -13.75 29.49 -14.29
C LEU C 14 -14.93 28.59 -14.67
N ASP C 15 -16.02 29.21 -15.15
CA ASP C 15 -17.21 28.44 -15.59
C ASP C 15 -16.83 27.50 -16.69
N LYS C 16 -16.04 27.97 -17.68
CA LYS C 16 -15.63 27.09 -18.77
C LYS C 16 -14.74 25.95 -18.28
N LEU C 17 -13.81 26.24 -17.36
CA LEU C 17 -12.94 25.20 -16.76
C LEU C 17 -13.81 24.13 -16.09
N LEU C 18 -14.87 24.56 -15.44
CA LEU C 18 -15.80 23.68 -14.73
C LEU C 18 -16.86 22.98 -15.58
N GLY C 19 -16.92 23.27 -16.88
CA GLY C 19 -17.96 22.69 -17.73
C GLY C 19 -19.30 23.42 -17.64
N GLY C 20 -19.27 24.65 -17.14
CA GLY C 20 -20.44 25.53 -17.00
C GLY C 20 -20.71 26.09 -15.62
N GLY C 21 -20.05 25.51 -14.61
CA GLY C 21 -20.23 25.97 -13.25
C GLY C 21 -20.18 24.79 -12.32
N ILE C 22 -20.34 25.02 -11.01
CA ILE C 22 -20.28 23.89 -10.05
C ILE C 22 -21.55 23.11 -10.13
N GLU C 23 -21.42 21.79 -10.09
CA GLU C 23 -22.54 20.86 -10.30
C GLU C 23 -23.27 20.50 -9.03
N THR C 24 -24.58 20.24 -9.17
CA THR C 24 -25.37 19.65 -8.09
C THR C 24 -25.04 18.15 -8.17
N GLN C 25 -25.36 17.38 -7.10
CA GLN C 25 -25.07 15.94 -6.98
C GLN C 25 -23.55 15.72 -7.04
N ALA C 26 -22.79 16.71 -6.53
CA ALA C 26 -21.33 16.65 -6.55
C ALA C 26 -20.78 17.45 -5.40
N ILE C 27 -19.60 17.08 -4.92
CA ILE C 27 -18.82 17.85 -3.95
C ILE C 27 -17.71 18.48 -4.78
N THR C 28 -17.62 19.82 -4.80
CA THR C 28 -16.50 20.51 -5.45
C THR C 28 -15.62 21.00 -4.30
N GLU C 29 -14.33 20.60 -4.30
CA GLU C 29 -13.41 20.99 -3.26
C GLU C 29 -12.45 21.96 -3.87
N VAL C 30 -12.37 23.16 -3.29
CA VAL C 30 -11.46 24.22 -3.75
C VAL C 30 -10.41 24.42 -2.69
N PHE C 31 -9.14 24.26 -3.08
CA PHE C 31 -8.09 24.33 -2.08
C PHE C 31 -7.01 25.29 -2.53
N GLY C 32 -6.37 25.91 -1.57
CA GLY C 32 -5.32 26.90 -1.84
C GLY C 32 -4.91 27.59 -0.56
N GLU C 33 -3.90 28.46 -0.67
CA GLU C 33 -3.36 29.24 0.43
C GLU C 33 -4.36 30.32 0.83
N PHE C 34 -4.19 30.91 2.04
CA PHE C 34 -5.07 31.99 2.48
C PHE C 34 -4.99 33.17 1.50
N GLY C 35 -6.13 33.74 1.17
CA GLY C 35 -6.24 34.84 0.21
C GLY C 35 -6.31 34.45 -1.25
N SER C 36 -6.23 33.13 -1.55
CA SER C 36 -6.26 32.64 -2.94
C SER C 36 -7.60 32.85 -3.65
N GLY C 37 -8.64 33.23 -2.89
CA GLY C 37 -9.96 33.48 -3.47
C GLY C 37 -11.03 32.45 -3.12
N LYS C 38 -10.68 31.38 -2.38
CA LYS C 38 -11.63 30.30 -1.99
C LYS C 38 -12.89 30.84 -1.27
N THR C 39 -12.72 31.72 -0.28
CA THR C 39 -13.85 32.25 0.49
C THR C 39 -14.66 33.27 -0.36
N GLN C 40 -13.98 34.06 -1.22
CA GLN C 40 -14.66 34.98 -2.15
C GLN C 40 -15.51 34.23 -3.15
N LEU C 41 -15.02 33.05 -3.61
CA LEU C 41 -15.76 32.21 -4.55
C LEU C 41 -16.99 31.66 -3.83
N ALA C 42 -16.84 31.20 -2.57
CA ALA C 42 -17.98 30.69 -1.78
C ALA C 42 -19.06 31.78 -1.65
N HIS C 43 -18.65 33.02 -1.35
CA HIS C 43 -19.58 34.14 -1.23
C HIS C 43 -20.29 34.44 -2.54
N THR C 44 -19.55 34.41 -3.68
CA THR C 44 -20.15 34.70 -4.98
C THR C 44 -21.17 33.62 -5.35
N LEU C 45 -20.80 32.33 -5.13
CA LEU C 45 -21.75 31.23 -5.42
C LEU C 45 -23.05 31.33 -4.60
N ALA C 46 -22.97 31.81 -3.34
CA ALA C 46 -24.14 31.96 -2.44
C ALA C 46 -25.14 32.99 -3.02
N VAL C 47 -24.61 33.91 -3.82
CA VAL C 47 -25.42 34.90 -4.53
C VAL C 47 -25.91 34.30 -5.86
N MET C 48 -24.98 33.80 -6.69
CA MET C 48 -25.28 33.26 -8.03
C MET C 48 -26.34 32.16 -8.04
N VAL C 49 -26.34 31.24 -7.04
CA VAL C 49 -27.33 30.13 -6.99
C VAL C 49 -28.79 30.61 -6.98
N GLN C 50 -28.98 31.84 -6.48
CA GLN C 50 -30.30 32.42 -6.26
C GLN C 50 -31.00 32.87 -7.52
N LEU C 51 -30.21 33.12 -8.56
CA LEU C 51 -30.69 33.62 -9.84
C LEU C 51 -31.38 32.55 -10.67
N PRO C 52 -32.25 32.91 -11.62
CA PRO C 52 -32.81 31.88 -12.51
C PRO C 52 -31.70 31.30 -13.42
N PRO C 53 -31.92 30.11 -14.01
CA PRO C 53 -30.91 29.50 -14.90
C PRO C 53 -30.37 30.39 -16.02
N GLU C 54 -31.21 31.26 -16.63
CA GLU C 54 -30.72 32.16 -17.70
C GLU C 54 -29.65 33.13 -17.20
N GLU C 55 -29.63 33.43 -15.86
CA GLU C 55 -28.63 34.32 -15.28
C GLU C 55 -27.49 33.53 -14.56
N GLY C 56 -27.52 32.20 -14.68
CA GLY C 56 -26.50 31.34 -14.11
C GLY C 56 -26.76 30.72 -12.75
N GLY C 57 -28.00 30.81 -12.24
CA GLY C 57 -28.37 30.23 -10.96
C GLY C 57 -29.33 29.06 -11.11
N LEU C 58 -29.95 28.65 -9.98
CA LEU C 58 -30.87 27.53 -10.00
C LEU C 58 -32.12 27.82 -9.20
N ASN C 59 -32.49 29.12 -9.04
CA ASN C 59 -33.64 29.56 -8.23
C ASN C 59 -33.55 28.91 -6.84
N GLY C 60 -32.34 28.88 -6.27
CA GLY C 60 -32.06 28.16 -5.04
C GLY C 60 -31.65 28.98 -3.85
N SER C 61 -31.70 28.36 -2.68
CA SER C 61 -31.24 28.97 -1.47
C SER C 61 -29.91 28.28 -1.08
N ALA C 62 -29.16 28.91 -0.18
CA ALA C 62 -27.85 28.41 0.19
C ALA C 62 -27.74 28.23 1.70
N LEU C 63 -26.94 27.24 2.11
CA LEU C 63 -26.57 26.97 3.49
C LEU C 63 -25.07 27.15 3.60
N TYR C 64 -24.60 27.87 4.62
CA TYR C 64 -23.17 28.12 4.80
C TYR C 64 -22.69 27.62 6.19
N ILE C 65 -21.81 26.59 6.25
CA ILE C 65 -21.22 26.17 7.53
C ILE C 65 -19.87 26.89 7.61
N ASP C 66 -19.77 27.83 8.52
CA ASP C 66 -18.59 28.68 8.74
C ASP C 66 -17.74 28.09 9.87
N THR C 67 -16.46 27.76 9.64
CA THR C 67 -15.60 27.15 10.68
C THR C 67 -14.53 28.09 11.22
N GLU C 68 -14.19 29.12 10.46
CA GLU C 68 -13.09 30.03 10.83
C GLU C 68 -13.56 31.48 10.84
N ASN C 69 -14.86 31.71 11.13
CA ASN C 69 -15.48 33.05 11.11
C ASN C 69 -15.16 33.81 9.80
N THR C 70 -15.51 33.22 8.68
CA THR C 70 -15.26 33.86 7.38
C THR C 70 -16.53 34.40 6.70
N PHE C 71 -17.74 34.03 7.20
CA PHE C 71 -18.99 34.48 6.57
C PHE C 71 -19.26 35.93 6.85
N ARG C 72 -19.46 36.72 5.79
CA ARG C 72 -19.69 38.14 5.95
C ARG C 72 -20.94 38.57 5.21
N PRO C 73 -22.11 38.66 5.89
CA PRO C 73 -23.32 39.10 5.20
C PRO C 73 -23.17 40.46 4.51
N GLU C 74 -22.27 41.33 5.03
CA GLU C 74 -21.96 42.64 4.44
C GLU C 74 -21.39 42.49 3.02
N ARG C 75 -20.60 41.43 2.82
CA ARG C 75 -19.95 41.11 1.56
C ARG C 75 -20.97 40.53 0.58
N LEU C 76 -21.92 39.72 1.07
CA LEU C 76 -23.00 39.22 0.24
C LEU C 76 -23.82 40.40 -0.28
N ARG C 77 -24.09 41.40 0.59
CA ARG C 77 -24.85 42.59 0.24
C ARG C 77 -24.16 43.35 -0.90
N GLU C 78 -22.84 43.59 -0.75
CA GLU C 78 -21.99 44.30 -1.71
C GLU C 78 -22.01 43.60 -3.09
N ILE C 79 -21.82 42.28 -3.08
CA ILE C 79 -21.84 41.48 -4.30
C ILE C 79 -23.19 41.63 -4.97
N ALA C 80 -24.29 41.47 -4.20
CA ALA C 80 -25.65 41.61 -4.72
C ALA C 80 -25.89 43.01 -5.32
N GLN C 81 -25.56 44.07 -4.57
CA GLN C 81 -25.75 45.46 -5.01
C GLN C 81 -25.01 45.76 -6.32
N ASN C 82 -23.73 45.35 -6.39
CA ASN C 82 -22.88 45.60 -7.56
C ASN C 82 -23.26 44.76 -8.77
N ARG C 83 -24.03 43.68 -8.58
CA ARG C 83 -24.51 42.84 -9.67
C ARG C 83 -25.96 43.23 -10.07
N GLY C 84 -26.51 44.29 -9.44
CA GLY C 84 -27.85 44.80 -9.72
C GLY C 84 -28.96 43.92 -9.20
N LEU C 85 -28.71 43.23 -8.06
CA LEU C 85 -29.68 42.33 -7.46
C LEU C 85 -30.22 42.95 -6.20
N ASP C 86 -31.30 42.35 -5.66
CA ASP C 86 -31.93 42.86 -4.46
C ASP C 86 -31.18 42.30 -3.20
N PRO C 87 -30.43 43.14 -2.46
CA PRO C 87 -29.67 42.61 -1.30
C PRO C 87 -30.49 42.01 -0.15
N ASP C 88 -31.71 42.50 0.10
CA ASP C 88 -32.54 41.91 1.16
C ASP C 88 -32.94 40.50 0.77
N GLU C 89 -33.37 40.29 -0.47
CA GLU C 89 -33.74 38.95 -0.93
C GLU C 89 -32.51 38.04 -0.91
N VAL C 90 -31.35 38.57 -1.30
CA VAL C 90 -30.08 37.80 -1.30
C VAL C 90 -29.76 37.31 0.12
N LEU C 91 -29.84 38.20 1.12
CA LEU C 91 -29.60 37.81 2.51
C LEU C 91 -30.66 36.84 3.08
N ALA C 92 -31.91 36.92 2.59
CA ALA C 92 -33.00 36.03 3.01
C ALA C 92 -32.79 34.58 2.57
N ASN C 93 -32.05 34.38 1.47
CA ASN C 93 -31.83 33.07 0.90
C ASN C 93 -30.54 32.38 1.36
N VAL C 94 -29.77 33.02 2.24
CA VAL C 94 -28.53 32.40 2.71
C VAL C 94 -28.56 32.20 4.23
N ALA C 95 -28.45 30.97 4.68
CA ALA C 95 -28.44 30.68 6.14
C ALA C 95 -27.07 30.24 6.52
N CYS C 96 -26.49 30.85 7.57
CA CYS C 96 -25.16 30.50 8.05
C CYS C 96 -25.19 30.01 9.50
N ALA C 97 -24.34 29.00 9.80
CA ALA C 97 -24.11 28.45 11.15
C ALA C 97 -22.63 28.39 11.43
N ARG C 98 -22.19 28.86 12.60
CA ARG C 98 -20.77 28.76 12.97
C ARG C 98 -20.53 27.39 13.57
N ALA C 99 -19.48 26.69 13.11
CA ALA C 99 -19.08 25.40 13.69
C ALA C 99 -17.99 25.69 14.72
N PHE C 100 -18.22 25.25 15.96
CA PHE C 100 -17.30 25.59 17.04
C PHE C 100 -16.14 24.60 17.18
N ASN C 101 -16.29 23.37 16.70
CA ASN C 101 -15.25 22.36 16.69
C ASN C 101 -15.62 21.33 15.64
N SER C 102 -14.76 20.32 15.42
CA SER C 102 -14.99 19.32 14.38
C SER C 102 -16.23 18.46 14.64
N ASN C 103 -16.51 18.12 15.92
CA ASN C 103 -17.68 17.35 16.31
C ASN C 103 -18.98 18.15 16.08
N HIS C 104 -18.93 19.43 16.38
CA HIS C 104 -20.08 20.31 16.16
C HIS C 104 -20.29 20.46 14.67
N GLN C 105 -19.18 20.51 13.90
CA GLN C 105 -19.27 20.68 12.44
C GLN C 105 -19.98 19.48 11.84
N MET C 106 -19.73 18.30 12.42
CA MET C 106 -20.38 17.06 11.96
C MET C 106 -21.87 17.04 12.28
N LEU C 107 -22.26 17.59 13.46
CA LEU C 107 -23.69 17.66 13.85
C LEU C 107 -24.44 18.67 12.95
N LEU C 108 -23.79 19.78 12.60
CA LEU C 108 -24.36 20.80 11.71
C LEU C 108 -24.80 20.26 10.36
N VAL C 109 -24.12 19.23 9.85
CA VAL C 109 -24.47 18.60 8.56
C VAL C 109 -25.82 17.90 8.72
N GLN C 110 -26.07 17.34 9.92
CA GLN C 110 -27.34 16.71 10.23
C GLN C 110 -28.44 17.73 10.38
N GLN C 111 -28.13 18.91 10.93
CA GLN C 111 -29.11 20.00 11.03
C GLN C 111 -29.34 20.60 9.65
N ALA C 112 -28.31 20.56 8.75
CA ALA C 112 -28.48 21.09 7.38
C ALA C 112 -29.50 20.22 6.67
N GLU C 113 -29.51 18.88 6.95
CA GLU C 113 -30.46 17.96 6.33
C GLU C 113 -31.90 18.36 6.66
N ASP C 114 -32.12 18.74 7.92
CA ASP C 114 -33.44 19.17 8.38
C ASP C 114 -33.89 20.42 7.62
N MET C 115 -32.99 21.40 7.45
CA MET C 115 -33.27 22.61 6.71
C MET C 115 -33.53 22.33 5.23
N ILE C 116 -32.80 21.38 4.65
CA ILE C 116 -32.92 20.97 3.25
C ILE C 116 -34.34 20.38 3.02
N LYS C 117 -34.78 19.47 3.90
CA LYS C 117 -36.11 18.83 3.83
C LYS C 117 -37.25 19.86 3.94
N GLU C 118 -37.09 20.90 4.79
CA GLU C 118 -38.11 21.94 4.96
C GLU C 118 -38.29 22.77 3.70
N LEU C 119 -37.20 23.00 2.98
CA LEU C 119 -37.20 23.79 1.74
C LEU C 119 -37.41 23.00 0.47
N LEU C 120 -37.19 21.68 0.52
CA LEU C 120 -37.22 20.77 -0.62
C LEU C 120 -38.41 20.97 -1.56
N ASN C 121 -39.64 20.94 -1.03
CA ASN C 121 -40.85 21.03 -1.85
C ASN C 121 -41.35 22.48 -2.08
N THR C 122 -40.51 23.51 -1.77
CA THR C 122 -40.85 24.91 -1.98
C THR C 122 -40.30 25.40 -3.33
N ASP C 123 -40.47 26.70 -3.59
CA ASP C 123 -40.01 27.42 -4.78
C ASP C 123 -38.49 27.66 -4.69
N ARG C 124 -37.95 27.67 -3.45
CA ARG C 124 -36.54 27.99 -3.23
C ARG C 124 -35.79 26.87 -2.47
N PRO C 125 -35.72 25.62 -3.03
CA PRO C 125 -34.97 24.56 -2.36
C PRO C 125 -33.49 24.94 -2.23
N VAL C 126 -32.85 24.32 -1.23
CA VAL C 126 -31.41 24.52 -1.03
C VAL C 126 -30.74 23.93 -2.27
N LYS C 127 -29.86 24.71 -2.92
CA LYS C 127 -29.18 24.17 -4.10
C LYS C 127 -27.69 24.28 -3.88
N LEU C 128 -27.28 24.87 -2.73
CA LEU C 128 -25.88 25.01 -2.43
C LEU C 128 -25.64 24.87 -0.94
N LEU C 129 -24.68 24.02 -0.57
CA LEU C 129 -24.26 23.86 0.83
C LEU C 129 -22.74 24.09 0.82
N ILE C 130 -22.30 25.11 1.50
CA ILE C 130 -20.88 25.45 1.57
C ILE C 130 -20.34 25.00 2.92
N VAL C 131 -19.11 24.45 2.94
CA VAL C 131 -18.42 24.18 4.20
C VAL C 131 -17.07 24.82 4.04
N ASP C 132 -16.88 25.97 4.64
CA ASP C 132 -15.65 26.76 4.50
C ASP C 132 -14.60 26.28 5.48
N SER C 133 -13.39 25.97 4.95
CA SER C 133 -12.23 25.48 5.67
C SER C 133 -12.62 24.22 6.36
N LEU C 134 -13.16 23.25 5.58
CA LEU C 134 -13.69 22.01 6.09
C LEU C 134 -12.75 21.27 7.04
N THR C 135 -11.44 21.26 6.74
CA THR C 135 -10.52 20.49 7.57
C THR C 135 -9.87 21.25 8.70
N SER C 136 -10.10 22.57 8.84
N SER C 136 -10.12 22.57 8.84
CA SER C 136 -9.44 23.41 9.84
CA SER C 136 -9.49 23.45 9.83
C SER C 136 -9.52 22.88 11.28
C SER C 136 -9.54 22.91 11.27
N HIS C 137 -10.75 22.53 11.76
CA HIS C 137 -10.94 22.02 13.12
C HIS C 137 -10.36 20.65 13.28
N PHE C 138 -10.48 19.82 12.24
CA PHE C 138 -9.98 18.46 12.32
C PHE C 138 -8.45 18.46 12.46
N ARG C 139 -7.78 19.35 11.73
CA ARG C 139 -6.32 19.43 11.81
C ARG C 139 -5.88 19.89 13.21
N SER C 140 -6.40 21.06 13.66
CA SER C 140 -6.04 21.68 14.94
C SER C 140 -6.34 20.84 16.20
N GLU C 141 -7.36 19.94 16.15
CA GLU C 141 -7.79 19.15 17.30
C GLU C 141 -7.17 17.78 17.43
N TYR C 142 -6.89 17.12 16.30
CA TYR C 142 -6.40 15.77 16.32
C TYR C 142 -4.87 15.70 16.42
N ILE C 143 -4.37 15.72 17.67
CA ILE C 143 -2.94 15.66 18.06
C ILE C 143 -2.71 14.52 19.09
N GLY C 144 -1.56 13.86 19.00
CA GLY C 144 -1.18 12.79 19.93
C GLY C 144 -1.34 11.36 19.44
N ARG C 145 -1.31 10.41 20.38
CA ARG C 145 -1.40 8.96 20.15
C ARG C 145 -2.74 8.51 19.56
N GLY C 146 -2.69 7.99 18.33
CA GLY C 146 -3.86 7.50 17.60
C GLY C 146 -4.79 8.59 17.11
N ALA C 147 -4.29 9.83 17.04
CA ALA C 147 -5.06 10.99 16.60
C ALA C 147 -5.36 10.95 15.09
N LEU C 148 -4.34 10.67 14.24
CA LEU C 148 -4.48 10.55 12.78
C LEU C 148 -5.55 9.54 12.35
N ALA C 149 -5.56 8.33 12.97
CA ALA C 149 -6.54 7.28 12.61
C ALA C 149 -7.97 7.78 12.87
N GLU C 150 -8.21 8.35 14.07
CA GLU C 150 -9.51 8.92 14.46
C GLU C 150 -9.83 10.10 13.54
N ARG C 151 -8.84 10.96 13.22
CA ARG C 151 -9.09 12.10 12.31
C ARG C 151 -9.55 11.63 10.97
N GLN C 152 -8.85 10.63 10.40
CA GLN C 152 -9.19 10.11 9.10
C GLN C 152 -10.57 9.44 9.09
N GLN C 153 -10.91 8.69 10.18
CA GLN C 153 -12.23 8.05 10.29
C GLN C 153 -13.35 9.11 10.33
N LYS C 154 -13.17 10.18 11.11
CA LYS C 154 -14.17 11.24 11.27
C LYS C 154 -14.30 12.03 9.98
N LEU C 155 -13.17 12.41 9.34
CA LEU C 155 -13.26 13.14 8.06
C LEU C 155 -13.99 12.29 7.00
N ALA C 156 -13.74 10.96 6.97
CA ALA C 156 -14.37 10.05 6.01
C ALA C 156 -15.87 9.98 6.21
N LYS C 157 -16.34 9.92 7.47
CA LYS C 157 -17.78 9.93 7.77
C LYS C 157 -18.39 11.30 7.38
N HIS C 158 -17.72 12.41 7.70
CA HIS C 158 -18.19 13.76 7.36
C HIS C 158 -18.35 13.94 5.82
N LEU C 159 -17.35 13.49 5.04
CA LEU C 159 -17.41 13.63 3.59
C LEU C 159 -18.44 12.71 2.98
N ALA C 160 -18.64 11.51 3.55
CA ALA C 160 -19.68 10.58 3.07
C ALA C 160 -21.10 11.16 3.37
N ASP C 161 -21.25 11.86 4.51
CA ASP C 161 -22.49 12.54 4.90
C ASP C 161 -22.80 13.66 3.87
N LEU C 162 -21.76 14.46 3.50
CA LEU C 162 -21.96 15.55 2.54
C LEU C 162 -22.30 15.01 1.15
N HIS C 163 -21.66 13.91 0.76
CA HIS C 163 -21.89 13.27 -0.55
C HIS C 163 -23.35 12.76 -0.67
N ARG C 164 -23.87 12.19 0.41
CA ARG C 164 -25.25 11.68 0.51
C ARG C 164 -26.26 12.84 0.32
N LEU C 165 -26.08 13.97 1.02
CA LEU C 165 -26.92 15.16 0.85
C LEU C 165 -26.86 15.68 -0.59
N ALA C 166 -25.64 15.73 -1.21
CA ALA C 166 -25.50 16.24 -2.57
C ALA C 166 -26.32 15.43 -3.53
N ASN C 167 -26.23 14.11 -3.46
CA ASN C 167 -26.96 13.25 -4.40
C ASN C 167 -28.45 13.07 -4.06
N LEU C 168 -28.78 12.88 -2.79
CA LEU C 168 -30.15 12.64 -2.33
C LEU C 168 -31.07 13.83 -2.60
N TYR C 169 -30.56 15.04 -2.36
CA TYR C 169 -31.36 16.25 -2.49
C TYR C 169 -31.01 17.18 -3.64
N ASP C 170 -30.16 16.72 -4.58
CA ASP C 170 -29.73 17.47 -5.78
C ASP C 170 -29.16 18.85 -5.41
N ILE C 171 -28.13 18.84 -4.57
CA ILE C 171 -27.44 20.03 -4.08
C ILE C 171 -26.02 20.02 -4.58
N ALA C 172 -25.46 21.22 -4.78
CA ALA C 172 -24.06 21.43 -5.09
C ALA C 172 -23.38 21.64 -3.73
N VAL C 173 -22.49 20.70 -3.35
CA VAL C 173 -21.74 20.85 -2.10
C VAL C 173 -20.38 21.49 -2.47
N PHE C 174 -20.07 22.60 -1.83
CA PHE C 174 -18.86 23.33 -2.15
C PHE C 174 -18.04 23.42 -0.88
N VAL C 175 -16.82 22.89 -0.91
CA VAL C 175 -15.97 22.87 0.26
C VAL C 175 -14.64 23.57 0.00
N THR C 176 -14.14 24.27 1.00
CA THR C 176 -12.83 24.91 0.83
C THR C 176 -11.84 24.22 1.74
N ASN C 177 -10.55 24.23 1.35
CA ASN C 177 -9.54 23.53 2.13
C ASN C 177 -8.29 24.37 2.08
N GLN C 178 -7.72 24.65 3.25
CA GLN C 178 -6.55 25.50 3.43
C GLN C 178 -5.34 24.65 3.16
N VAL C 179 -4.90 24.68 1.88
CA VAL C 179 -3.84 23.88 1.25
C VAL C 179 -4.36 22.45 1.17
N GLY C 195 3.04 14.17 0.76
CA GLY C 195 2.71 13.12 1.71
C GLY C 195 1.34 13.24 2.37
N GLY C 196 0.48 14.10 1.82
CA GLY C 196 -0.87 14.31 2.34
C GLY C 196 -1.84 13.17 2.05
N HIS C 197 -3.11 13.39 2.39
CA HIS C 197 -4.21 12.45 2.14
C HIS C 197 -5.24 13.20 1.32
N ILE C 198 -5.72 12.61 0.22
CA ILE C 198 -6.78 13.25 -0.58
C ILE C 198 -8.04 13.22 0.28
N LEU C 199 -8.75 14.37 0.37
CA LEU C 199 -9.94 14.52 1.19
C LEU C 199 -10.96 13.39 0.98
N ALA C 200 -11.44 13.22 -0.25
CA ALA C 200 -12.43 12.20 -0.61
C ALA C 200 -12.48 12.06 -2.10
N HIS C 201 -11.41 11.48 -2.68
CA HIS C 201 -11.21 11.26 -4.10
C HIS C 201 -12.44 10.73 -4.82
N SER C 202 -13.13 9.72 -4.24
CA SER C 202 -14.31 9.10 -4.85
C SER C 202 -15.47 10.06 -5.09
N ALA C 203 -15.55 11.15 -4.31
CA ALA C 203 -16.72 12.00 -4.21
C ALA C 203 -16.55 13.45 -4.58
N THR C 204 -15.32 13.90 -4.94
CA THR C 204 -15.13 15.31 -5.20
C THR C 204 -14.49 15.60 -6.55
N LEU C 205 -14.70 16.83 -7.07
CA LEU C 205 -13.98 17.43 -8.20
C LEU C 205 -13.04 18.34 -7.41
N ARG C 206 -11.73 18.28 -7.66
CA ARG C 206 -10.75 19.07 -6.89
C ARG C 206 -10.24 20.22 -7.74
N VAL C 207 -10.23 21.41 -7.16
CA VAL C 207 -9.81 22.62 -7.88
C VAL C 207 -8.73 23.31 -7.07
N TYR C 208 -7.59 23.55 -7.69
CA TYR C 208 -6.47 24.22 -7.03
C TYR C 208 -6.49 25.67 -7.42
N LEU C 209 -6.48 26.55 -6.41
CA LEU C 209 -6.50 28.00 -6.58
C LEU C 209 -5.23 28.59 -6.08
N ARG C 210 -4.73 29.58 -6.83
CA ARG C 210 -3.52 30.26 -6.41
C ARG C 210 -3.51 31.70 -6.88
N LYS C 211 -2.78 32.56 -6.16
CA LYS C 211 -2.57 33.95 -6.55
C LYS C 211 -1.62 33.96 -7.74
N GLY C 212 -1.85 34.87 -8.66
CA GLY C 212 -1.01 35.05 -9.84
C GLY C 212 -0.35 36.40 -9.78
N LYS C 213 -0.19 37.01 -10.95
CA LYS C 213 0.44 38.32 -11.06
C LYS C 213 -0.61 39.40 -11.32
N GLY C 214 -0.41 40.57 -10.71
CA GLY C 214 -1.30 41.72 -10.86
C GLY C 214 -2.70 41.51 -10.31
N GLY C 215 -2.78 40.81 -9.19
CA GLY C 215 -4.04 40.53 -8.49
C GLY C 215 -4.91 39.42 -9.07
N LYS C 216 -4.48 38.76 -10.17
CA LYS C 216 -5.28 37.68 -10.76
C LYS C 216 -5.14 36.39 -9.98
N ARG C 217 -6.17 35.56 -10.02
CA ARG C 217 -6.18 34.27 -9.35
C ARG C 217 -6.28 33.23 -10.45
N ILE C 218 -5.61 32.09 -10.25
CA ILE C 218 -5.57 31.04 -11.26
C ILE C 218 -6.16 29.79 -10.71
N ALA C 219 -6.98 29.13 -11.53
CA ALA C 219 -7.65 27.89 -11.16
C ALA C 219 -7.25 26.72 -12.06
N ARG C 220 -6.91 25.56 -11.46
CA ARG C 220 -6.58 24.35 -12.20
C ARG C 220 -7.33 23.15 -11.62
N LEU C 221 -7.85 22.27 -12.50
CA LEU C 221 -8.46 21.03 -12.08
C LEU C 221 -7.34 20.04 -11.80
N ILE C 222 -7.43 19.38 -10.64
CA ILE C 222 -6.48 18.39 -10.15
C ILE C 222 -7.06 16.99 -10.36
N ASP C 223 -6.38 16.17 -11.19
CA ASP C 223 -6.71 14.78 -11.54
C ASP C 223 -8.12 14.62 -12.12
N HIS C 226 -10.58 13.25 -17.57
CA HIS C 226 -11.86 13.16 -18.30
C HIS C 226 -12.54 14.55 -18.46
N LEU C 227 -11.84 15.63 -18.03
CA LEU C 227 -12.31 17.01 -18.13
C LEU C 227 -11.34 17.92 -18.93
N PRO C 228 -11.79 19.07 -19.51
CA PRO C 228 -10.87 19.88 -20.35
C PRO C 228 -9.71 20.55 -19.62
N GLU C 229 -8.48 20.25 -20.07
CA GLU C 229 -7.24 20.78 -19.50
C GLU C 229 -7.06 22.28 -19.80
N GLY C 230 -6.20 22.92 -19.03
CA GLY C 230 -5.95 24.35 -19.09
C GLY C 230 -6.16 25.00 -17.74
N GLU C 231 -6.09 26.34 -17.71
CA GLU C 231 -6.29 27.07 -16.45
C GLU C 231 -7.16 28.24 -16.68
N ALA C 232 -8.00 28.56 -15.68
CA ALA C 232 -8.91 29.71 -15.72
C ALA C 232 -8.31 30.80 -14.91
N VAL C 233 -8.59 32.04 -15.30
CA VAL C 233 -7.98 33.21 -14.65
C VAL C 233 -9.10 34.14 -14.27
N PHE C 234 -9.08 34.66 -13.04
CA PHE C 234 -10.13 35.55 -12.58
C PHE C 234 -9.63 36.59 -11.61
N SER C 235 -10.49 37.56 -11.26
CA SER C 235 -10.18 38.61 -10.30
C SER C 235 -11.20 38.62 -9.16
N ILE C 236 -10.86 39.28 -8.06
CA ILE C 236 -11.74 39.46 -6.93
C ILE C 236 -12.08 40.95 -6.94
N THR C 237 -13.37 41.28 -7.15
CA THR C 237 -13.81 42.66 -7.25
C THR C 237 -14.97 42.91 -6.29
N GLU C 238 -15.65 44.05 -6.49
CA GLU C 238 -16.83 44.44 -5.73
C GLU C 238 -18.02 43.54 -6.12
N LYS C 239 -17.89 42.84 -7.29
CA LYS C 239 -18.88 41.86 -7.77
C LYS C 239 -18.60 40.44 -7.25
N GLY C 240 -17.59 40.30 -6.41
CA GLY C 240 -17.15 39.01 -5.86
C GLY C 240 -16.09 38.45 -6.78
N ILE C 241 -16.37 37.37 -7.49
CA ILE C 241 -15.37 36.94 -8.43
C ILE C 241 -15.90 37.19 -9.85
N GLU C 242 -15.01 37.60 -10.75
CA GLU C 242 -15.34 37.82 -12.16
C GLU C 242 -14.10 37.70 -13.02
N ASP C 243 -14.26 37.75 -14.32
CA ASP C 243 -13.11 37.69 -15.24
C ASP C 243 -12.19 38.91 -15.07
N ILE D 4 9.93 -6.18 -1.92
CA ILE D 4 10.61 -5.34 -0.93
C ILE D 4 10.53 -3.87 -1.34
N GLY D 5 10.27 -3.02 -0.36
CA GLY D 5 10.18 -1.58 -0.60
C GLY D 5 11.49 -0.87 -0.34
N ARG D 6 11.66 0.32 -0.96
CA ARG D 6 12.85 1.15 -0.81
C ARG D 6 12.51 2.56 -0.41
N ILE D 7 13.20 3.11 0.59
CA ILE D 7 12.98 4.47 1.03
C ILE D 7 14.15 5.33 0.47
N SER D 8 13.84 6.39 -0.28
CA SER D 8 14.84 7.28 -0.85
C SER D 8 15.55 8.00 0.26
N THR D 9 16.84 8.29 0.07
CA THR D 9 17.68 8.99 1.05
C THR D 9 17.55 10.50 0.90
N GLY D 10 16.99 10.95 -0.21
CA GLY D 10 16.88 12.37 -0.48
C GLY D 10 17.90 12.81 -1.51
N SER D 11 18.98 12.01 -1.66
CA SER D 11 20.06 12.24 -2.62
C SER D 11 19.98 11.18 -3.72
N LYS D 12 19.89 11.62 -5.00
CA LYS D 12 19.85 10.73 -6.16
C LYS D 12 21.16 9.95 -6.25
N SER D 13 22.28 10.58 -5.86
CA SER D 13 23.61 9.95 -5.87
C SER D 13 23.65 8.79 -4.89
N LEU D 14 23.27 9.06 -3.63
CA LEU D 14 23.22 8.02 -2.62
C LEU D 14 22.19 6.95 -2.97
N ASP D 15 21.01 7.37 -3.52
CA ASP D 15 19.98 6.40 -3.92
C ASP D 15 20.52 5.42 -4.96
N LYS D 16 21.32 5.92 -5.93
CA LYS D 16 21.88 5.05 -6.98
C LYS D 16 22.85 4.05 -6.40
N LEU D 17 23.73 4.49 -5.50
CA LEU D 17 24.65 3.59 -4.80
C LEU D 17 23.91 2.44 -4.10
N LEU D 18 22.72 2.74 -3.51
CA LEU D 18 21.92 1.78 -2.74
C LEU D 18 20.94 0.94 -3.56
N GLY D 19 20.95 1.12 -4.87
CA GLY D 19 20.01 0.40 -5.73
C GLY D 19 18.58 0.93 -5.65
N GLY D 20 18.42 2.18 -5.25
CA GLY D 20 17.12 2.85 -5.18
C GLY D 20 16.78 3.48 -3.84
N GLY D 21 17.43 3.01 -2.78
CA GLY D 21 17.21 3.52 -1.44
C GLY D 21 17.41 2.41 -0.43
N ILE D 22 17.13 2.70 0.84
CA ILE D 22 17.30 1.68 1.89
C ILE D 22 16.14 0.68 1.82
N GLU D 23 16.44 -0.61 1.98
CA GLU D 23 15.45 -1.66 1.75
C GLU D 23 14.67 -2.06 3.00
N THR D 24 13.39 -2.49 2.79
CA THR D 24 12.60 -3.13 3.84
C THR D 24 13.18 -4.56 4.01
N GLN D 25 12.90 -5.25 5.15
CA GLN D 25 13.38 -6.62 5.44
C GLN D 25 14.93 -6.72 5.43
N ALA D 26 15.60 -5.65 5.84
CA ALA D 26 17.05 -5.60 5.84
C ALA D 26 17.44 -4.63 6.91
N ILE D 27 18.65 -4.82 7.42
CA ILE D 27 19.25 -3.91 8.39
C ILE D 27 20.35 -3.17 7.60
N THR D 28 20.23 -1.87 7.45
CA THR D 28 21.26 -1.11 6.79
C THR D 28 22.05 -0.39 7.85
N GLU D 29 23.38 -0.60 7.88
CA GLU D 29 24.23 0.10 8.83
C GLU D 29 25.01 1.21 8.14
N VAL D 30 24.94 2.42 8.70
CA VAL D 30 25.68 3.55 8.22
C VAL D 30 26.60 4.00 9.34
N PHE D 31 27.90 4.02 9.03
CA PHE D 31 28.90 4.35 10.03
C PHE D 31 29.85 5.39 9.56
N GLY D 32 30.40 6.12 10.50
CA GLY D 32 31.37 7.16 10.27
C GLY D 32 31.62 7.93 11.54
N GLU D 33 32.49 8.95 11.47
CA GLU D 33 32.82 9.80 12.61
C GLU D 33 31.67 10.74 12.89
N PHE D 34 31.71 11.37 14.07
CA PHE D 34 30.76 12.38 14.46
C PHE D 34 30.71 13.44 13.35
N GLY D 35 29.51 13.78 12.92
CA GLY D 35 29.29 14.76 11.86
C GLY D 35 29.45 14.25 10.43
N SER D 36 29.68 12.95 10.25
CA SER D 36 29.85 12.39 8.91
C SER D 36 28.57 12.41 8.03
N GLY D 37 27.41 12.69 8.65
CA GLY D 37 26.13 12.74 7.95
C GLY D 37 25.15 11.62 8.25
N LYS D 38 25.57 10.61 9.02
CA LYS D 38 24.76 9.44 9.36
C LYS D 38 23.49 9.80 10.13
N THR D 39 23.59 10.77 11.05
CA THR D 39 22.43 11.22 11.85
C THR D 39 21.48 12.12 10.99
N GLN D 40 22.04 12.93 10.10
CA GLN D 40 21.29 13.76 9.15
C GLN D 40 20.55 12.84 8.19
N LEU D 41 21.18 11.74 7.79
CA LEU D 41 20.54 10.80 6.88
C LEU D 41 19.36 10.13 7.60
N ALA D 42 19.52 9.77 8.88
CA ALA D 42 18.47 9.17 9.74
C ALA D 42 17.25 10.12 9.77
N HIS D 43 17.50 11.43 10.01
CA HIS D 43 16.44 12.43 10.04
C HIS D 43 15.75 12.57 8.69
N THR D 44 16.53 12.55 7.59
CA THR D 44 15.97 12.68 6.25
C THR D 44 15.11 11.47 5.94
N LEU D 45 15.61 10.25 6.24
CA LEU D 45 14.80 9.05 5.99
C LEU D 45 13.47 9.04 6.75
N ALA D 46 13.46 9.59 7.99
CA ALA D 46 12.27 9.69 8.86
C ALA D 46 11.15 10.56 8.19
N VAL D 47 11.54 11.50 7.32
CA VAL D 47 10.65 12.34 6.52
C VAL D 47 10.30 11.62 5.24
N MET D 48 11.31 11.14 4.48
CA MET D 48 11.12 10.49 3.19
C MET D 48 10.18 9.31 3.19
N VAL D 49 10.22 8.50 4.25
CA VAL D 49 9.35 7.29 4.38
C VAL D 49 7.85 7.62 4.30
N GLN D 50 7.49 8.83 4.68
CA GLN D 50 6.12 9.30 4.73
C GLN D 50 5.55 9.64 3.35
N LEU D 51 6.40 9.73 2.33
CA LEU D 51 5.97 10.11 0.99
C LEU D 51 5.39 8.91 0.27
N PRO D 52 4.57 9.10 -0.79
CA PRO D 52 4.11 7.91 -1.54
C PRO D 52 5.28 7.30 -2.32
N PRO D 53 5.16 6.01 -2.70
CA PRO D 53 6.24 5.34 -3.46
C PRO D 53 6.78 6.03 -4.70
N GLU D 54 5.95 6.79 -5.43
CA GLU D 54 6.42 7.47 -6.65
C GLU D 54 7.27 8.70 -6.33
N GLU D 55 7.31 9.10 -5.05
CA GLU D 55 8.11 10.21 -4.52
C GLU D 55 9.28 9.71 -3.62
N GLY D 56 9.46 8.39 -3.55
CA GLY D 56 10.54 7.78 -2.79
C GLY D 56 10.24 7.30 -1.39
N GLY D 57 8.96 7.27 -1.01
CA GLY D 57 8.59 6.79 0.31
C GLY D 57 7.79 5.50 0.31
N LEU D 58 7.17 5.18 1.44
CA LEU D 58 6.34 3.97 1.50
C LEU D 58 5.02 4.25 2.21
N ASN D 59 4.55 5.55 2.23
CA ASN D 59 3.33 6.02 2.94
C ASN D 59 3.39 5.48 4.37
N GLY D 60 4.55 5.61 5.00
CA GLY D 60 4.78 5.02 6.30
C GLY D 60 5.20 5.97 7.39
N SER D 61 5.18 5.47 8.60
CA SER D 61 5.61 6.26 9.76
C SER D 61 6.96 5.71 10.20
N ALA D 62 7.64 6.42 11.12
CA ALA D 62 8.96 6.01 11.58
C ALA D 62 9.05 5.94 13.10
N LEU D 63 9.93 5.07 13.58
CA LEU D 63 10.26 4.91 14.99
C LEU D 63 11.74 5.22 15.10
N TYR D 64 12.14 5.99 16.12
CA TYR D 64 13.54 6.42 16.28
C TYR D 64 14.02 6.11 17.70
N ILE D 65 14.96 5.15 17.82
CA ILE D 65 15.58 4.83 19.12
C ILE D 65 16.84 5.72 19.23
N ASP D 66 16.80 6.71 20.13
CA ASP D 66 17.87 7.71 20.33
C ASP D 66 18.80 7.29 21.52
N THR D 67 20.07 7.01 21.24
CA THR D 67 21.00 6.57 22.29
C THR D 67 21.91 7.70 22.79
N GLU D 68 22.11 8.75 21.97
CA GLU D 68 23.03 9.87 22.29
C GLU D 68 22.39 11.26 22.15
N ASN D 69 21.09 11.42 22.45
CA ASN D 69 20.40 12.72 22.37
C ASN D 69 20.66 13.46 21.02
N THR D 70 20.40 12.76 19.91
CA THR D 70 20.59 13.31 18.57
C THR D 70 19.28 13.59 17.87
N PHE D 71 18.15 13.12 18.42
CA PHE D 71 16.87 13.34 17.76
C PHE D 71 16.48 14.81 17.89
N ARG D 72 16.21 15.48 16.76
CA ARG D 72 15.82 16.89 16.79
C ARG D 72 14.50 17.13 16.06
N PRO D 73 13.37 17.31 16.80
CA PRO D 73 12.09 17.56 16.12
C PRO D 73 12.14 18.78 15.21
N GLU D 74 12.83 19.88 15.60
CA GLU D 74 12.97 21.07 14.72
C GLU D 74 13.66 20.75 13.39
N ARG D 75 14.56 19.75 13.37
CA ARG D 75 15.27 19.34 12.16
C ARG D 75 14.33 18.59 11.20
N LEU D 76 13.46 17.73 11.76
CA LEU D 76 12.46 17.02 10.97
C LEU D 76 11.49 18.05 10.34
N ARG D 77 11.04 19.03 11.14
CA ARG D 77 10.14 20.10 10.68
C ARG D 77 10.78 20.93 9.55
N GLU D 78 12.07 21.21 9.67
CA GLU D 78 12.80 21.95 8.65
C GLU D 78 12.88 21.14 7.35
N ILE D 79 13.20 19.85 7.48
CA ILE D 79 13.32 18.99 6.31
C ILE D 79 11.97 18.87 5.62
N ALA D 80 10.88 18.67 6.42
CA ALA D 80 9.49 18.54 5.94
C ALA D 80 9.03 19.74 5.18
N GLN D 81 9.22 20.95 5.76
CA GLN D 81 8.79 22.19 5.11
C GLN D 81 9.57 22.50 3.84
N ASN D 82 10.87 22.16 3.80
CA ASN D 82 11.67 22.47 2.61
C ASN D 82 11.46 21.46 1.49
N ARG D 83 10.78 20.33 1.78
CA ARG D 83 10.41 19.28 0.85
C ARG D 83 8.92 19.27 0.51
N GLY D 84 8.19 20.30 0.97
CA GLY D 84 6.77 20.50 0.69
C GLY D 84 5.80 19.60 1.41
N LEU D 85 6.20 19.05 2.56
CA LEU D 85 5.34 18.20 3.37
C LEU D 85 4.78 19.07 4.49
N ASP D 86 3.77 18.57 5.20
CA ASP D 86 3.17 19.28 6.33
C ASP D 86 4.04 19.00 7.57
N PRO D 87 4.75 20.01 8.11
CA PRO D 87 5.63 19.75 9.28
C PRO D 87 4.93 19.16 10.49
N ASP D 88 3.68 19.60 10.80
CA ASP D 88 2.94 19.05 11.94
C ASP D 88 2.63 17.57 11.73
N GLU D 89 2.29 17.16 10.50
CA GLU D 89 1.99 15.75 10.17
C GLU D 89 3.25 14.88 10.26
N VAL D 90 4.36 15.36 9.69
CA VAL D 90 5.65 14.67 9.68
C VAL D 90 6.07 14.35 11.10
N LEU D 91 5.98 15.32 12.02
CA LEU D 91 6.36 15.10 13.42
C LEU D 91 5.45 14.10 14.14
N ALA D 92 4.17 14.08 13.77
CA ALA D 92 3.19 13.16 14.38
C ALA D 92 3.48 11.72 13.98
N ASN D 93 4.09 11.55 12.78
CA ASN D 93 4.43 10.25 12.21
C ASN D 93 5.81 9.72 12.58
N VAL D 94 6.54 10.43 13.45
CA VAL D 94 7.86 9.98 13.92
C VAL D 94 7.81 9.96 15.43
N ALA D 95 7.89 8.77 16.01
CA ALA D 95 7.95 8.61 17.46
C ALA D 95 9.40 8.31 17.89
N CYS D 96 9.87 9.00 18.94
CA CYS D 96 11.23 8.84 19.45
C CYS D 96 11.24 8.32 20.92
N ALA D 97 12.17 7.41 21.20
CA ALA D 97 12.40 6.88 22.54
C ALA D 97 13.86 7.04 22.87
N ARG D 98 14.17 7.61 24.04
CA ARG D 98 15.55 7.73 24.51
C ARG D 98 15.96 6.41 25.16
N ALA D 99 17.09 5.83 24.76
CA ALA D 99 17.64 4.61 25.36
C ALA D 99 18.63 5.07 26.43
N PHE D 100 18.38 4.65 27.69
N PHE D 100 18.43 4.65 27.70
CA PHE D 100 19.15 4.98 28.88
CA PHE D 100 19.27 5.09 28.81
C PHE D 100 20.51 4.27 28.88
C PHE D 100 20.52 4.25 29.00
N ASN D 101 20.49 2.97 28.60
CA ASN D 101 21.67 2.09 28.60
C ASN D 101 21.41 0.99 27.58
N SER D 102 22.37 0.08 27.38
CA SER D 102 22.21 -1.00 26.38
C SER D 102 21.08 -1.96 26.72
N ASN D 103 20.85 -2.28 28.02
CA ASN D 103 19.74 -3.18 28.38
C ASN D 103 18.37 -2.52 28.10
N HIS D 104 18.26 -1.21 28.35
CA HIS D 104 17.03 -0.46 28.07
C HIS D 104 16.80 -0.40 26.57
N GLN D 105 17.86 -0.13 25.81
CA GLN D 105 17.85 -0.08 24.34
C GLN D 105 17.26 -1.41 23.80
N MET D 106 17.65 -2.54 24.43
CA MET D 106 17.15 -3.87 24.05
C MET D 106 15.66 -4.03 24.34
N LEU D 107 15.20 -3.58 25.52
CA LEU D 107 13.79 -3.60 25.85
C LEU D 107 12.97 -2.71 24.88
N LEU D 108 13.52 -1.55 24.48
CA LEU D 108 12.84 -0.63 23.56
C LEU D 108 12.46 -1.27 22.23
N VAL D 109 13.19 -2.29 21.76
CA VAL D 109 12.86 -3.00 20.52
C VAL D 109 11.58 -3.81 20.73
N GLN D 110 11.38 -4.41 21.93
CA GLN D 110 10.15 -5.15 22.23
C GLN D 110 9.00 -4.17 22.30
N GLN D 111 9.23 -2.98 22.87
CA GLN D 111 8.22 -1.93 22.88
C GLN D 111 7.92 -1.36 21.48
N ALA D 112 8.94 -1.34 20.57
CA ALA D 112 8.76 -0.89 19.18
C ALA D 112 7.71 -1.80 18.52
N GLU D 113 7.72 -3.10 18.81
CA GLU D 113 6.76 -4.03 18.23
C GLU D 113 5.29 -3.71 18.62
N ASP D 114 5.06 -3.29 19.86
CA ASP D 114 3.74 -2.87 20.33
C ASP D 114 3.30 -1.61 19.59
N MET D 115 4.24 -0.68 19.34
CA MET D 115 3.98 0.55 18.57
C MET D 115 3.64 0.21 17.09
N ILE D 116 4.38 -0.72 16.48
CA ILE D 116 4.15 -1.21 15.12
C ILE D 116 2.74 -1.81 15.02
N LYS D 117 2.40 -2.69 15.97
CA LYS D 117 1.09 -3.36 15.99
C LYS D 117 -0.08 -2.42 16.07
N GLU D 118 0.04 -1.36 16.89
CA GLU D 118 -0.99 -0.36 17.04
C GLU D 118 -1.22 0.39 15.72
N LEU D 119 -0.13 0.70 14.98
CA LEU D 119 -0.23 1.50 13.75
C LEU D 119 -0.61 0.69 12.51
N LEU D 120 -0.71 -0.65 12.65
CA LEU D 120 -1.14 -1.57 11.59
C LEU D 120 -2.59 -1.33 11.19
N ASN D 121 -3.36 -0.68 12.07
CA ASN D 121 -4.77 -0.37 11.85
C ASN D 121 -4.95 0.98 11.10
N THR D 122 -3.84 1.70 10.82
CA THR D 122 -3.86 3.02 10.20
C THR D 122 -3.30 3.00 8.75
N ASP D 123 -3.33 4.16 8.06
CA ASP D 123 -2.77 4.26 6.71
C ASP D 123 -1.32 4.81 6.72
N ARG D 124 -0.74 4.93 7.94
CA ARG D 124 0.68 5.30 8.12
C ARG D 124 1.33 4.25 9.04
N PRO D 125 1.38 2.96 8.62
CA PRO D 125 2.02 1.97 9.49
C PRO D 125 3.52 2.23 9.57
N VAL D 126 4.16 1.68 10.59
CA VAL D 126 5.62 1.88 10.72
C VAL D 126 6.30 1.22 9.52
N LYS D 127 7.17 1.96 8.79
CA LYS D 127 7.89 1.31 7.67
C LYS D 127 9.38 1.52 7.81
N LEU D 128 9.79 2.18 8.91
CA LEU D 128 11.19 2.52 9.20
C LEU D 128 11.41 2.54 10.70
N LEU D 129 12.44 1.81 11.13
CA LEU D 129 12.90 1.80 12.51
C LEU D 129 14.37 2.20 12.50
N ILE D 130 14.67 3.29 13.20
CA ILE D 130 16.03 3.84 13.26
C ILE D 130 16.63 3.56 14.65
N VAL D 131 17.90 3.08 14.70
CA VAL D 131 18.62 2.97 15.98
C VAL D 131 19.88 3.83 15.75
N ASP D 132 19.94 5.02 16.35
CA ASP D 132 21.10 5.89 16.15
C ASP D 132 22.20 5.58 17.19
N SER D 133 23.45 5.43 16.73
CA SER D 133 24.64 5.05 17.54
C SER D 133 24.36 3.75 18.29
N LEU D 134 23.92 2.71 17.53
CA LEU D 134 23.52 1.44 18.12
C LEU D 134 24.55 0.84 19.11
N THR D 135 25.86 0.82 18.77
CA THR D 135 26.85 0.17 19.64
C THR D 135 27.34 1.06 20.78
N SER D 136 27.01 2.37 20.78
CA SER D 136 27.57 3.32 21.74
C SER D 136 27.45 2.87 23.20
N HIS D 137 26.24 2.50 23.68
CA HIS D 137 26.08 2.05 25.08
C HIS D 137 26.76 0.72 25.32
N PHE D 138 26.71 -0.18 24.35
CA PHE D 138 27.30 -1.50 24.49
C PHE D 138 28.81 -1.42 24.64
N ARG D 139 29.43 -0.55 23.84
CA ARG D 139 30.89 -0.38 23.84
C ARG D 139 31.35 0.14 25.19
N SER D 140 30.74 1.25 25.63
CA SER D 140 31.06 1.93 26.87
C SER D 140 30.85 1.09 28.13
N GLU D 141 29.72 0.37 28.24
CA GLU D 141 29.39 -0.48 29.39
C GLU D 141 30.22 -1.74 29.59
N TYR D 142 30.43 -2.52 28.51
CA TYR D 142 31.06 -3.84 28.55
C TYR D 142 32.57 -3.82 28.38
N ILE D 143 33.27 -3.50 29.46
CA ILE D 143 34.74 -3.37 29.52
C ILE D 143 35.45 -4.32 30.54
N GLY D 144 34.73 -4.86 31.53
CA GLY D 144 35.34 -5.77 32.52
C GLY D 144 35.76 -7.15 32.02
N ARG D 145 36.13 -8.07 32.95
CA ARG D 145 36.53 -9.43 32.55
C ARG D 145 35.31 -10.26 32.13
N GLY D 146 35.43 -10.96 31.00
CA GLY D 146 34.37 -11.75 30.41
C GLY D 146 33.28 -10.89 29.78
N ALA D 147 33.51 -9.58 29.72
CA ALA D 147 32.56 -8.59 29.22
C ALA D 147 32.38 -8.59 27.72
N LEU D 148 33.39 -9.07 26.92
CA LEU D 148 33.22 -9.08 25.45
C LEU D 148 32.26 -10.18 25.06
N ALA D 149 32.30 -11.35 25.76
CA ALA D 149 31.39 -12.44 25.49
C ALA D 149 29.96 -11.99 25.80
N GLU D 150 29.78 -11.27 26.92
CA GLU D 150 28.43 -10.81 27.25
C GLU D 150 27.96 -9.78 26.23
N ARG D 151 28.83 -8.81 25.91
CA ARG D 151 28.54 -7.78 24.90
C ARG D 151 28.04 -8.40 23.60
N GLN D 152 28.79 -9.38 23.06
CA GLN D 152 28.50 -10.02 21.79
C GLN D 152 27.25 -10.90 21.83
N GLN D 153 26.99 -11.59 22.94
CA GLN D 153 25.73 -12.33 23.03
C GLN D 153 24.55 -11.35 23.02
N LYS D 154 24.65 -10.22 23.76
CA LYS D 154 23.60 -9.19 23.82
C LYS D 154 23.42 -8.51 22.45
N LEU D 155 24.53 -8.18 21.78
CA LEU D 155 24.47 -7.57 20.43
C LEU D 155 23.82 -8.50 19.42
N ALA D 156 24.11 -9.81 19.48
CA ALA D 156 23.51 -10.78 18.57
C ALA D 156 22.01 -10.88 18.75
N LYS D 157 21.52 -10.92 20.01
CA LYS D 157 20.10 -10.97 20.31
C LYS D 157 19.40 -9.66 19.83
N HIS D 158 20.04 -8.51 20.10
CA HIS D 158 19.54 -7.18 19.72
C HIS D 158 19.38 -7.09 18.20
N LEU D 159 20.39 -7.54 17.44
CA LEU D 159 20.28 -7.48 15.97
C LEU D 159 19.27 -8.46 15.44
N ALA D 160 19.20 -9.66 16.03
CA ALA D 160 18.20 -10.66 15.66
C ALA D 160 16.78 -10.14 15.93
N ASP D 161 16.59 -9.38 17.02
CA ASP D 161 15.28 -8.78 17.38
C ASP D 161 14.91 -7.73 16.35
N LEU D 162 15.90 -6.90 15.94
CA LEU D 162 15.66 -5.89 14.91
C LEU D 162 15.33 -6.56 13.55
N HIS D 163 16.07 -7.62 13.19
CA HIS D 163 15.81 -8.34 11.95
C HIS D 163 14.44 -8.99 11.94
N ARG D 164 13.97 -9.46 13.12
CA ARG D 164 12.65 -10.08 13.21
C ARG D 164 11.57 -9.07 12.84
N LEU D 165 11.63 -7.85 13.37
CA LEU D 165 10.65 -6.83 13.04
C LEU D 165 10.73 -6.46 11.56
N ALA D 166 11.95 -6.37 11.02
CA ALA D 166 12.17 -6.04 9.59
C ALA D 166 11.43 -7.08 8.72
N ASN D 167 11.58 -8.38 9.04
CA ASN D 167 10.90 -9.44 8.28
C ASN D 167 9.41 -9.51 8.57
N LEU D 168 9.01 -9.59 9.87
CA LEU D 168 7.60 -9.72 10.22
C LEU D 168 6.71 -8.67 9.63
N TYR D 169 7.11 -7.40 9.75
CA TYR D 169 6.27 -6.29 9.34
C TYR D 169 6.73 -5.56 8.09
N ASP D 170 7.69 -6.12 7.34
CA ASP D 170 8.20 -5.55 6.08
C ASP D 170 8.60 -4.08 6.29
N ILE D 171 9.52 -3.88 7.26
CA ILE D 171 10.05 -2.59 7.70
C ILE D 171 11.54 -2.50 7.35
N ALA D 172 12.01 -1.27 7.05
CA ALA D 172 13.42 -0.99 6.86
C ALA D 172 13.97 -0.64 8.22
N VAL D 173 15.07 -1.31 8.59
CA VAL D 173 15.80 -1.03 9.82
C VAL D 173 17.06 -0.30 9.41
N PHE D 174 17.24 0.89 9.99
CA PHE D 174 18.38 1.72 9.67
C PHE D 174 19.15 1.97 10.92
N VAL D 175 20.42 1.53 10.97
CA VAL D 175 21.20 1.72 12.17
C VAL D 175 22.40 2.57 11.90
N THR D 176 22.77 3.41 12.87
CA THR D 176 24.01 4.16 12.68
C THR D 176 25.04 3.77 13.77
N ASN D 177 26.34 3.86 13.45
CA ASN D 177 27.43 3.64 14.41
C ASN D 177 28.44 4.75 14.25
N GLN D 178 28.86 5.33 15.39
CA GLN D 178 29.83 6.42 15.43
C GLN D 178 31.19 5.84 15.81
N VAL D 179 32.06 5.73 14.79
CA VAL D 179 33.39 5.13 14.92
C VAL D 179 34.41 5.83 14.05
N GLN D 180 35.70 5.70 14.44
CA GLN D 180 36.84 6.08 13.61
C GLN D 180 37.14 4.79 12.82
N ALA D 181 36.86 4.78 11.51
CA ALA D 181 37.02 3.60 10.68
C ALA D 181 37.58 3.87 9.26
N ASN D 182 38.40 4.92 9.11
CA ASN D 182 38.99 5.20 7.79
C ASN D 182 39.94 4.07 7.31
N GLY D 195 40.56 3.34 8.25
CA GLY D 195 41.45 2.22 7.94
C GLY D 195 40.78 0.88 7.99
N GLY D 196 39.48 0.87 8.29
CA GLY D 196 38.73 -0.36 8.38
C GLY D 196 37.72 -0.34 9.50
N HIS D 197 36.61 -1.06 9.28
CA HIS D 197 35.52 -1.14 10.24
C HIS D 197 35.57 -2.50 10.92
N ILE D 198 35.73 -2.47 12.23
CA ILE D 198 35.69 -3.69 13.04
C ILE D 198 34.22 -3.98 13.26
N LEU D 199 33.77 -5.16 12.81
CA LEU D 199 32.35 -5.51 12.85
C LEU D 199 31.85 -5.99 14.22
N ALA D 200 31.13 -5.11 14.95
CA ALA D 200 30.57 -5.48 16.27
C ALA D 200 29.27 -6.29 16.16
N HIS D 201 28.58 -6.26 14.99
CA HIS D 201 27.30 -6.96 14.83
C HIS D 201 26.95 -7.14 13.36
N SER D 202 25.95 -7.97 13.06
CA SER D 202 25.53 -8.24 11.67
C SER D 202 24.78 -7.03 11.04
N ALA D 203 24.74 -7.00 9.71
CA ALA D 203 24.05 -5.96 8.94
C ALA D 203 23.86 -6.53 7.54
N THR D 204 22.69 -6.25 6.93
CA THR D 204 22.46 -6.69 5.55
C THR D 204 23.38 -5.90 4.60
N LEU D 205 23.58 -4.59 4.87
CA LEU D 205 24.37 -3.70 4.04
C LEU D 205 25.04 -2.68 4.93
N ARG D 206 26.32 -2.40 4.65
CA ARG D 206 27.15 -1.47 5.45
C ARG D 206 27.65 -0.35 4.55
N VAL D 207 27.50 0.89 5.02
CA VAL D 207 27.82 2.08 4.24
C VAL D 207 28.73 2.95 5.05
N TYR D 208 29.91 3.24 4.53
CA TYR D 208 30.87 4.10 5.22
C TYR D 208 30.68 5.52 4.77
N LEU D 209 30.50 6.46 5.72
CA LEU D 209 30.38 7.88 5.36
C LEU D 209 31.59 8.64 5.88
N ARG D 210 32.03 9.64 5.12
CA ARG D 210 33.12 10.50 5.54
C ARG D 210 32.95 11.92 5.02
N LYS D 211 33.50 12.90 5.74
CA LYS D 211 33.50 14.30 5.31
C LYS D 211 34.48 14.38 4.15
N GLY D 212 34.18 15.24 3.20
CA GLY D 212 35.01 15.46 2.03
C GLY D 212 35.18 16.93 1.76
N LYS D 213 35.79 17.25 0.62
CA LYS D 213 36.08 18.60 0.13
C LYS D 213 34.83 19.49 0.08
N GLY D 214 34.96 20.68 0.66
CA GLY D 214 33.97 21.74 0.69
C GLY D 214 32.55 21.41 1.09
N GLY D 215 32.38 20.86 2.31
CA GLY D 215 31.08 20.54 2.87
C GLY D 215 30.37 19.30 2.33
N LYS D 216 31.04 18.55 1.43
CA LYS D 216 30.43 17.35 0.86
C LYS D 216 30.69 16.13 1.71
N ARG D 217 29.78 15.15 1.65
CA ARG D 217 29.92 13.87 2.36
C ARG D 217 29.99 12.81 1.29
N ILE D 218 30.82 11.79 1.53
CA ILE D 218 31.05 10.72 0.55
C ILE D 218 30.69 9.38 1.13
N ALA D 219 29.94 8.57 0.36
CA ALA D 219 29.48 7.28 0.82
C ALA D 219 30.07 6.16 -0.02
N ARG D 220 30.44 5.06 0.62
CA ARG D 220 31.03 3.90 -0.03
C ARG D 220 30.42 2.64 0.60
N LEU D 221 30.05 1.63 -0.23
CA LEU D 221 29.56 0.34 0.23
C LEU D 221 30.73 -0.48 0.72
N ILE D 222 30.53 -1.19 1.84
CA ILE D 222 31.55 -2.02 2.49
C ILE D 222 31.17 -3.48 2.34
N ASP D 223 32.04 -4.28 1.66
CA ASP D 223 31.88 -5.73 1.38
C ASP D 223 30.47 -6.12 0.89
N ALA D 224 30.08 -5.62 -0.30
CA ALA D 224 28.77 -5.90 -0.91
C ALA D 224 28.91 -6.17 -2.41
N GLY D 230 31.34 2.18 -6.91
CA GLY D 230 31.61 3.61 -6.89
C GLY D 230 31.35 4.27 -5.54
N GLU D 231 31.21 5.58 -5.56
CA GLU D 231 30.95 6.37 -4.37
C GLU D 231 29.95 7.39 -4.68
N ALA D 232 29.10 7.65 -3.70
CA ALA D 232 28.06 8.66 -3.81
C ALA D 232 28.57 9.91 -3.11
N VAL D 233 28.19 11.06 -3.61
CA VAL D 233 28.61 12.34 -3.03
C VAL D 233 27.34 13.10 -2.75
N PHE D 234 27.22 13.65 -1.55
CA PHE D 234 26.02 14.40 -1.17
C PHE D 234 26.34 15.58 -0.25
N SER D 235 25.35 16.43 -0.01
CA SER D 235 25.46 17.61 0.84
C SER D 235 24.40 17.52 1.95
N ILE D 236 24.63 18.25 3.03
CA ILE D 236 23.69 18.37 4.14
C ILE D 236 23.14 19.79 4.02
N THR D 237 21.83 19.92 3.78
CA THR D 237 21.17 21.19 3.55
C THR D 237 19.90 21.32 4.41
N GLU D 238 19.09 22.34 4.09
CA GLU D 238 17.78 22.59 4.70
C GLU D 238 16.78 21.51 4.27
N LYS D 239 17.15 20.72 3.24
CA LYS D 239 16.35 19.58 2.73
C LYS D 239 16.79 18.28 3.37
N GLY D 240 17.75 18.38 4.29
CA GLY D 240 18.32 17.24 5.00
C GLY D 240 19.56 16.78 4.29
N ILE D 241 19.41 15.79 3.43
CA ILE D 241 20.44 15.19 2.59
C ILE D 241 19.99 15.41 1.16
N GLU D 242 20.88 15.93 0.28
CA GLU D 242 20.58 16.16 -1.13
C GLU D 242 21.86 16.18 -1.98
N ASP D 243 21.74 16.17 -3.32
CA ASP D 243 22.89 16.17 -4.24
C ASP D 243 23.73 17.45 -4.13
P PO4 E . -24.92 -9.58 -16.85
O1 PO4 E . -26.49 -9.76 -16.62
O2 PO4 E . -24.73 -8.20 -17.55
O3 PO4 E . -24.37 -10.73 -17.82
O4 PO4 E . -24.16 -9.63 -15.44
C1 NY5 F . -19.36 -10.41 5.11
C2 NY5 F . -18.69 -10.27 3.91
C3 NY5 F . -17.95 -11.40 3.39
C4 NY5 F . -17.93 -12.62 4.08
C5 NY5 F . -18.64 -12.74 5.31
C6 NY5 F . -18.68 -14.07 6.09
C10 NY5 F . -18.86 -9.00 3.09
O1 NY5 F . -18.28 -15.10 5.51
O NY5 F . -19.13 -14.03 7.26
C NY5 F . -19.33 -11.61 5.80
C7 NY5 F . -17.23 -11.29 2.10
C8 NY5 F . -17.64 -10.13 1.22
C9 NY5 F . -17.75 -8.88 2.07
H1 NY5 F . -19.94 -9.58 5.50
H2 NY5 F . -17.37 -13.47 3.70
H9 NY5 F . -18.89 -8.12 3.72
H10 NY5 F . -19.84 -9.01 2.60
H NY5 F . -19.85 -11.69 6.76
H4 NY5 F . -17.39 -12.23 1.56
H3 NY5 F . -16.17 -11.25 2.27
H5 NY5 F . -18.59 -10.35 0.74
H6 NY5 F . -16.93 -9.99 0.41
H8 NY5 F . -17.93 -8.01 1.43
H7 NY5 F . -16.80 -8.67 2.55
P PO4 G . 9.11 -31.36 -7.92
O1 PO4 G . 7.63 -31.95 -7.82
O2 PO4 G . 9.70 -31.30 -6.43
O3 PO4 G . 9.14 -29.94 -8.54
O4 PO4 G . 10.02 -32.25 -8.88
C1 NY5 H . 13.89 -31.74 14.29
C2 NY5 H . 14.55 -31.45 13.11
C3 NY5 H . 15.35 -32.48 12.49
C4 NY5 H . 15.45 -33.77 13.10
C5 NY5 H . 14.75 -34.02 14.31
C6 NY5 H . 14.74 -35.42 15.00
C10 NY5 H . 14.31 -30.10 12.44
O1 NY5 H . 14.83 -35.42 16.26
O NY5 H . 14.61 -36.44 14.27
C NY5 H . 14.00 -32.99 14.89
C7 NY5 H . 16.07 -32.16 11.22
C8 NY5 H . 15.46 -31.04 10.42
C9 NY5 H . 15.27 -29.83 11.28
H1 NY5 H . 13.25 -31.00 14.75
H2 NY5 H . 16.06 -34.57 12.66
H9 NY5 H . 14.37 -29.30 13.17
H10 NY5 H . 13.27 -30.06 12.09
H NY5 H . 13.48 -33.19 15.83
H4 NY5 H . 16.08 -33.07 10.63
H3 NY5 H . 17.12 -31.94 11.41
H5 NY5 H . 14.52 -31.36 9.98
H6 NY5 H . 16.09 -30.79 9.55
H8 NY5 H . 14.90 -28.98 10.70
H7 NY5 H . 16.23 -29.49 11.67
C1 NY5 I . -27.79 24.94 11.52
C2 NY5 I . -27.39 25.19 10.20
C3 NY5 I . -27.67 26.50 9.63
C4 NY5 I . -28.32 27.48 10.39
C5 NY5 I . -28.69 27.20 11.71
C6 NY5 I . -29.44 28.22 12.53
C10 NY5 I . -26.59 24.14 9.43
O1 NY5 I . -30.51 28.67 12.05
O NY5 I . -28.95 28.51 13.63
C NY5 I . -28.42 25.94 12.27
C7 NY5 I . -27.26 26.81 8.24
C8 NY5 I . -26.16 25.93 7.70
C9 NY5 I . -26.51 24.48 7.93
H1 NY5 I . -27.62 23.96 11.96
H2 NY5 I . -28.53 28.47 9.97
H9 NY5 I . -27.01 23.16 9.57
H10 NY5 I . -25.59 24.07 9.85
H NY5 I . -28.70 25.76 13.29
H4 NY5 I . -26.95 27.85 8.22
H3 NY5 I . -28.13 26.76 7.57
H5 NY5 I . -25.23 26.18 8.21
H6 NY5 I . -25.97 26.12 6.65
H8 NY5 I . -25.77 23.83 7.46
H7 NY5 I . -27.44 24.24 7.44
CL CL J . -8.95 32.55 1.19
C1 NY5 K . 8.59 5.74 21.11
C2 NY5 K . 9.22 4.54 20.80
C3 NY5 K . 9.31 3.50 21.80
C4 NY5 K . 8.85 3.73 23.10
C5 NY5 K . 8.30 5.01 23.39
C6 NY5 K . 8.04 5.43 24.80
C10 NY5 K . 10.03 4.47 19.50
O1 NY5 K . 9.04 5.48 25.56
O NY5 K . 6.86 5.73 25.08
C NY5 K . 8.13 5.97 22.39
C7 NY5 K . 9.92 2.20 21.44
C8 NY5 K . 11.01 2.34 20.40
C9 NY5 K . 10.49 3.06 19.17
H1 NY5 K . 8.46 6.50 20.34
H2 NY5 K . 8.90 2.98 23.88
H9 NY5 K . 10.88 5.15 19.54
H10 NY5 K . 9.43 4.87 18.68
H NY5 K . 7.64 6.90 22.64
H4 NY5 K . 10.33 1.76 22.35
H3 NY5 K . 9.16 1.50 21.10
H5 NY5 K . 11.86 2.87 20.82
H6 NY5 K . 11.41 1.36 20.11
H8 NY5 K . 9.68 2.50 18.72
H7 NY5 K . 11.26 3.08 18.40
#